data_7QD1
#
_entry.id   7QD1
#
_cell.length_a   63.363
_cell.length_b   65.902
_cell.length_c   77.372
_cell.angle_alpha   90.000
_cell.angle_beta   102.354
_cell.angle_gamma   90.000
#
_symmetry.space_group_name_H-M   'P 1 21 1'
#
loop_
_entity.id
_entity.type
_entity.pdbx_description
1 polymer 'Orange carotenoid-binding protein'
2 non-polymer beta,beta-caroten-4-one
3 water water
#
_entity_poly.entity_id   1
_entity_poly.type   'polypeptide(L)'
_entity_poly.pdbx_seq_one_letter_code
;MSFTVDSARGIFPNTLTADVVPATIARFNQLNAEDQLALIWFAYLEMGKTITVAALGAANMQFAEITMNQIRQMSFQEQT
QVMCDLANRTDTPISRAYGSWTANIKLGFWYQLGEWMAQGIVAPIPSGYKLSANAASVLQAIQGLESGQQITVLRNCVVD
MGFDTSKLDSSQRVSEPVVVPRDMAQRTQVTIEGIDNPTVLNYMNNMNANDFEVLIELFTPDGALQPPFQKPIVGKDAVL
RFFREECQNLKLIPERGVTEPADGGYTQIKVTGKVQTPWFGAGVGMNMAWRFLLSPENKIFFVAIDLLASPKELLNLVR
;
_entity_poly.pdbx_strand_id   A,C
#
# COMPACT_ATOMS: atom_id res chain seq x y z
N SER A 2 -17.81 9.47 25.43
CA SER A 2 -17.50 10.65 24.64
C SER A 2 -16.75 10.30 23.36
N PHE A 3 -15.57 9.69 23.51
CA PHE A 3 -14.67 9.47 22.41
C PHE A 3 -14.15 8.03 22.43
N THR A 4 -13.88 7.51 21.24
CA THR A 4 -13.08 6.30 21.07
C THR A 4 -11.83 6.66 20.28
N VAL A 5 -10.84 5.76 20.32
CA VAL A 5 -9.63 5.97 19.54
C VAL A 5 -9.97 6.20 18.08
N ASP A 6 -10.88 5.39 17.54
N ASP A 6 -10.91 5.42 17.54
CA ASP A 6 -11.29 5.55 16.14
CA ASP A 6 -11.26 5.56 16.13
C ASP A 6 -11.95 6.90 15.90
C ASP A 6 -11.99 6.87 15.86
N SER A 7 -12.83 7.32 16.80
CA SER A 7 -13.50 8.61 16.62
C SER A 7 -12.54 9.77 16.84
N ALA A 8 -11.43 9.55 17.56
CA ALA A 8 -10.45 10.61 17.78
C ALA A 8 -9.56 10.83 16.58
N ARG A 9 -9.47 9.86 15.66
CA ARG A 9 -8.55 9.98 14.53
C ARG A 9 -8.86 11.17 13.65
N GLY A 10 -10.13 11.58 13.59
CA GLY A 10 -10.56 12.61 12.69
C GLY A 10 -10.47 14.04 13.17
N ILE A 11 -9.87 14.30 14.34
CA ILE A 11 -9.80 15.67 14.82
C ILE A 11 -8.95 16.52 13.88
N PHE A 12 -9.28 17.82 13.81
CA PHE A 12 -8.68 18.75 12.87
C PHE A 12 -8.64 18.21 11.44
N PRO A 13 -9.79 17.93 10.84
CA PRO A 13 -9.80 17.24 9.52
C PRO A 13 -9.33 18.10 8.36
N ASN A 14 -9.15 19.41 8.54
CA ASN A 14 -8.59 20.27 7.50
C ASN A 14 -7.08 20.10 7.39
N THR A 15 -6.47 19.28 8.24
CA THR A 15 -5.03 19.04 8.19
C THR A 15 -4.68 18.24 6.94
N LEU A 16 -3.92 18.84 6.03
CA LEU A 16 -3.58 18.22 4.75
C LEU A 16 -2.26 17.48 4.89
N THR A 17 -2.32 16.15 4.99
CA THR A 17 -1.12 15.36 5.18
C THR A 17 -0.51 14.97 3.83
N ALA A 18 0.78 14.60 3.87
CA ALA A 18 1.55 14.30 2.67
C ALA A 18 1.26 12.88 2.16
N ASP A 19 0.01 12.65 1.77
CA ASP A 19 -0.33 11.30 1.32
C ASP A 19 0.33 10.94 -0.01
N VAL A 20 1.03 11.88 -0.66
CA VAL A 20 1.90 11.54 -1.79
C VAL A 20 2.99 10.56 -1.36
N VAL A 21 3.32 10.53 -0.07
CA VAL A 21 4.35 9.60 0.41
C VAL A 21 3.85 8.16 0.32
N PRO A 22 2.74 7.76 0.96
CA PRO A 22 2.23 6.40 0.73
C PRO A 22 1.89 6.12 -0.73
N ALA A 23 1.40 7.14 -1.45
CA ALA A 23 1.09 6.96 -2.87
C ALA A 23 2.32 6.55 -3.66
N THR A 24 3.44 7.23 -3.41
CA THR A 24 4.68 6.96 -4.13
C THR A 24 5.25 5.60 -3.74
N ILE A 25 5.16 5.26 -2.45
CA ILE A 25 5.59 3.93 -2.01
C ILE A 25 4.79 2.85 -2.73
N ALA A 26 3.47 3.05 -2.86
CA ALA A 26 2.65 2.08 -3.57
C ALA A 26 3.11 1.91 -5.02
N ARG A 27 3.43 3.01 -5.70
CA ARG A 27 3.97 2.90 -7.06
C ARG A 27 5.29 2.14 -7.07
N PHE A 28 6.18 2.47 -6.13
CA PHE A 28 7.45 1.77 -6.01
C PHE A 28 7.26 0.28 -5.81
N ASN A 29 6.25 -0.12 -5.02
CA ASN A 29 5.99 -1.53 -4.74
C ASN A 29 5.58 -2.32 -5.98
N GLN A 30 5.21 -1.66 -7.07
CA GLN A 30 4.84 -2.35 -8.31
C GLN A 30 6.04 -2.74 -9.15
N LEU A 31 7.23 -2.19 -8.86
CA LEU A 31 8.39 -2.38 -9.71
C LEU A 31 9.08 -3.69 -9.37
N ASN A 32 9.79 -4.25 -10.34
CA ASN A 32 10.53 -5.47 -10.03
C ASN A 32 11.80 -5.14 -9.26
N ALA A 33 12.41 -6.18 -8.69
CA ALA A 33 13.49 -6.01 -7.71
C ALA A 33 14.62 -5.16 -8.26
N GLU A 34 15.11 -5.48 -9.46
CA GLU A 34 16.25 -4.76 -10.01
C GLU A 34 15.90 -3.30 -10.29
N ASP A 35 14.67 -3.04 -10.76
CA ASP A 35 14.20 -1.66 -10.95
C ASP A 35 14.18 -0.91 -9.63
N GLN A 36 13.68 -1.55 -8.57
CA GLN A 36 13.59 -0.90 -7.26
C GLN A 36 14.97 -0.50 -6.76
N LEU A 37 15.93 -1.42 -6.83
CA LEU A 37 17.27 -1.11 -6.34
C LEU A 37 17.89 0.05 -7.11
N ALA A 38 17.71 0.07 -8.44
CA ALA A 38 18.30 1.12 -9.25
C ALA A 38 17.60 2.46 -9.02
N LEU A 39 16.28 2.43 -8.85
CA LEU A 39 15.55 3.66 -8.56
C LEU A 39 16.06 4.30 -7.28
N ILE A 40 16.23 3.51 -6.22
CA ILE A 40 16.67 4.06 -4.94
C ILE A 40 18.08 4.62 -5.06
N TRP A 41 18.95 3.93 -5.81
CA TRP A 41 20.30 4.42 -6.02
C TRP A 41 20.28 5.83 -6.61
N PHE A 42 19.50 6.03 -7.68
CA PHE A 42 19.45 7.33 -8.33
C PHE A 42 18.70 8.35 -7.48
N ALA A 43 17.64 7.91 -6.77
CA ALA A 43 16.94 8.84 -5.89
C ALA A 43 17.84 9.31 -4.75
N TYR A 44 18.62 8.40 -4.17
CA TYR A 44 19.54 8.77 -3.11
C TYR A 44 20.56 9.79 -3.60
N LEU A 45 21.07 9.61 -4.82
CA LEU A 45 22.03 10.54 -5.39
C LEU A 45 21.44 11.94 -5.52
N GLU A 46 20.31 12.06 -6.21
CA GLU A 46 19.70 13.38 -6.44
C GLU A 46 19.25 14.02 -5.14
N MET A 47 18.98 13.22 -4.11
N MET A 47 18.96 13.22 -4.12
CA MET A 47 18.56 13.75 -2.82
CA MET A 47 18.56 13.75 -2.82
C MET A 47 19.52 14.78 -2.28
C MET A 47 19.52 14.82 -2.34
N GLY A 48 20.82 14.58 -2.50
CA GLY A 48 21.82 15.58 -2.14
C GLY A 48 21.87 15.92 -0.66
N LYS A 49 21.64 14.94 0.21
CA LYS A 49 21.75 15.16 1.64
C LYS A 49 22.56 14.02 2.24
N THR A 50 23.32 14.35 3.29
CA THR A 50 24.34 13.48 3.82
C THR A 50 23.95 12.98 5.21
N ILE A 51 24.13 11.68 5.43
N ILE A 51 24.09 11.67 5.43
CA ILE A 51 23.90 11.08 6.74
CA ILE A 51 23.85 11.12 6.76
C ILE A 51 25.00 11.52 7.70
C ILE A 51 24.97 11.55 7.69
N THR A 52 24.63 11.81 8.95
CA THR A 52 25.58 12.31 9.92
C THR A 52 26.59 11.25 10.33
N VAL A 53 27.73 11.75 10.81
CA VAL A 53 28.79 10.87 11.34
C VAL A 53 28.29 10.10 12.55
N ALA A 54 27.53 10.76 13.43
CA ALA A 54 27.03 10.11 14.64
C ALA A 54 26.14 8.93 14.32
N ALA A 55 25.25 9.08 13.33
CA ALA A 55 24.43 7.95 12.91
C ALA A 55 25.27 6.89 12.19
N LEU A 56 26.31 7.32 11.48
CA LEU A 56 27.10 6.40 10.68
C LEU A 56 27.86 5.42 11.55
N GLY A 57 28.24 5.83 12.77
CA GLY A 57 29.00 4.97 13.65
C GLY A 57 28.18 4.27 14.71
N ALA A 58 26.87 4.18 14.49
CA ALA A 58 25.96 3.61 15.47
C ALA A 58 26.38 2.20 15.89
N ALA A 59 26.38 1.96 17.20
CA ALA A 59 26.80 0.67 17.73
C ALA A 59 25.85 -0.46 17.37
N ASN A 60 24.59 -0.16 17.04
CA ASN A 60 23.64 -1.22 16.74
C ASN A 60 24.03 -2.02 15.49
N MET A 61 24.91 -1.49 14.64
CA MET A 61 25.31 -2.23 13.45
C MET A 61 26.11 -3.49 13.74
N GLN A 62 26.55 -3.69 14.99
CA GLN A 62 27.21 -4.94 15.32
C GLN A 62 26.31 -6.15 15.08
N PHE A 63 24.99 -5.95 15.14
CA PHE A 63 24.06 -7.04 14.88
C PHE A 63 24.05 -7.50 13.43
N ALA A 64 24.50 -6.65 12.51
CA ALA A 64 24.49 -6.97 11.09
C ALA A 64 25.89 -7.19 10.52
N GLU A 65 26.94 -7.03 11.34
N GLU A 65 26.94 -7.05 11.33
CA GLU A 65 28.31 -7.10 10.86
CA GLU A 65 28.30 -7.09 10.80
C GLU A 65 28.58 -8.39 10.10
C GLU A 65 28.59 -8.40 10.08
N ILE A 66 28.20 -9.53 10.68
CA ILE A 66 28.47 -10.82 10.06
C ILE A 66 27.79 -10.93 8.70
N THR A 67 26.53 -10.46 8.60
CA THR A 67 25.82 -10.55 7.33
C THR A 67 26.47 -9.65 6.27
N MET A 68 26.78 -8.40 6.62
CA MET A 68 27.43 -7.53 5.64
C MET A 68 28.77 -8.09 5.18
N ASN A 69 29.54 -8.65 6.12
CA ASN A 69 30.86 -9.17 5.74
C ASN A 69 30.75 -10.43 4.89
N GLN A 70 29.70 -11.22 5.08
CA GLN A 70 29.45 -12.33 4.16
C GLN A 70 29.12 -11.83 2.76
N ILE A 71 28.27 -10.81 2.66
CA ILE A 71 27.91 -10.26 1.36
C ILE A 71 29.16 -9.70 0.68
N ARG A 72 30.00 -8.98 1.43
CA ARG A 72 31.19 -8.38 0.86
C ARG A 72 32.06 -9.43 0.16
N GLN A 73 32.12 -10.65 0.70
CA GLN A 73 32.96 -11.70 0.15
C GLN A 73 32.32 -12.43 -1.02
N MET A 74 31.01 -12.31 -1.21
CA MET A 74 30.37 -12.98 -2.33
C MET A 74 30.78 -12.35 -3.65
N SER A 75 30.64 -13.14 -4.72
CA SER A 75 30.80 -12.60 -6.06
C SER A 75 29.77 -11.50 -6.31
N PHE A 76 30.03 -10.69 -7.35
CA PHE A 76 29.05 -9.69 -7.75
C PHE A 76 27.72 -10.34 -8.08
N GLN A 77 27.75 -11.48 -8.78
N GLN A 77 27.75 -11.50 -8.74
CA GLN A 77 26.52 -12.19 -9.12
CA GLN A 77 26.52 -12.18 -9.14
C GLN A 77 25.74 -12.59 -7.88
C GLN A 77 25.74 -12.67 -7.92
N GLU A 78 26.44 -13.12 -6.87
CA GLU A 78 25.76 -13.56 -5.66
C GLU A 78 25.23 -12.37 -4.85
N GLN A 79 26.02 -11.29 -4.75
CA GLN A 79 25.58 -10.08 -4.07
C GLN A 79 24.28 -9.55 -4.69
N THR A 80 24.25 -9.46 -6.01
CA THR A 80 23.07 -8.96 -6.70
C THR A 80 21.85 -9.80 -6.37
N GLN A 81 22.03 -11.12 -6.27
CA GLN A 81 20.90 -11.99 -5.98
C GLN A 81 20.40 -11.80 -4.55
N VAL A 82 21.32 -11.59 -3.60
CA VAL A 82 20.93 -11.33 -2.22
C VAL A 82 20.16 -10.01 -2.13
N MET A 83 20.60 -9.00 -2.86
CA MET A 83 19.92 -7.72 -2.81
C MET A 83 18.52 -7.81 -3.41
N CYS A 84 18.38 -8.60 -4.49
CA CYS A 84 17.05 -8.82 -5.04
C CYS A 84 16.16 -9.63 -4.10
N ASP A 85 16.74 -10.65 -3.44
CA ASP A 85 15.97 -11.41 -2.44
C ASP A 85 15.42 -10.48 -1.36
N LEU A 86 16.22 -9.51 -0.92
CA LEU A 86 15.74 -8.57 0.09
C LEU A 86 14.59 -7.73 -0.47
N ALA A 87 14.75 -7.21 -1.68
CA ALA A 87 13.71 -6.37 -2.27
C ALA A 87 12.46 -7.18 -2.55
N ASN A 88 12.62 -8.40 -3.06
CA ASN A 88 11.51 -9.30 -3.33
C ASN A 88 10.85 -9.84 -2.07
N ARG A 89 11.45 -9.60 -0.89
CA ARG A 89 10.97 -10.17 0.37
C ARG A 89 10.97 -11.70 0.32
N THR A 90 11.91 -12.25 -0.43
CA THR A 90 12.03 -13.70 -0.60
C THR A 90 12.49 -14.35 0.71
N ASP A 91 12.04 -15.57 0.95
CA ASP A 91 12.39 -16.31 2.16
C ASP A 91 13.77 -16.97 1.96
N THR A 92 14.80 -16.28 2.41
CA THR A 92 16.17 -16.77 2.45
C THR A 92 16.73 -16.50 3.83
N PRO A 93 17.82 -17.18 4.22
CA PRO A 93 18.38 -16.92 5.57
C PRO A 93 18.80 -15.47 5.80
N ILE A 94 19.46 -14.86 4.81
CA ILE A 94 19.86 -13.46 4.96
C ILE A 94 18.63 -12.55 5.04
N SER A 95 17.62 -12.85 4.22
CA SER A 95 16.40 -12.05 4.25
C SER A 95 15.70 -12.18 5.60
N ARG A 96 15.76 -13.37 6.21
CA ARG A 96 15.15 -13.55 7.53
C ARG A 96 15.93 -12.79 8.60
N ALA A 97 17.26 -12.79 8.52
CA ALA A 97 18.05 -12.00 9.45
C ALA A 97 17.75 -10.52 9.30
N TYR A 98 17.71 -10.03 8.05
CA TYR A 98 17.32 -8.64 7.80
C TYR A 98 15.98 -8.33 8.46
N GLY A 99 15.01 -9.23 8.33
CA GLY A 99 13.68 -9.01 8.89
C GLY A 99 13.63 -8.93 10.40
N SER A 100 14.61 -9.53 11.08
CA SER A 100 14.65 -9.44 12.53
C SER A 100 15.29 -8.15 13.03
N TRP A 101 15.86 -7.34 12.14
CA TRP A 101 16.59 -6.15 12.56
C TRP A 101 15.63 -4.98 12.78
N THR A 102 16.10 -4.01 13.57
CA THR A 102 15.37 -2.76 13.74
C THR A 102 15.50 -1.91 12.48
N ALA A 103 14.65 -0.87 12.40
CA ALA A 103 14.70 0.01 11.24
C ALA A 103 16.06 0.67 11.10
N ASN A 104 16.66 1.10 12.22
CA ASN A 104 17.93 1.81 12.15
C ASN A 104 19.06 0.90 11.67
N ILE A 105 18.99 -0.39 12.00
CA ILE A 105 20.00 -1.34 11.53
C ILE A 105 19.84 -1.58 10.04
N LYS A 106 18.59 -1.72 9.57
CA LYS A 106 18.35 -1.90 8.14
C LYS A 106 18.86 -0.71 7.35
N LEU A 107 18.68 0.51 7.89
CA LEU A 107 19.14 1.70 7.17
C LEU A 107 20.66 1.76 7.12
N GLY A 108 21.33 1.45 8.24
CA GLY A 108 22.78 1.41 8.24
C GLY A 108 23.34 0.32 7.37
N PHE A 109 22.64 -0.83 7.31
CA PHE A 109 23.02 -1.90 6.40
C PHE A 109 23.07 -1.42 4.96
N TRP A 110 22.00 -0.79 4.49
CA TRP A 110 21.99 -0.32 3.11
C TRP A 110 22.97 0.82 2.90
N TYR A 111 23.13 1.71 3.89
CA TYR A 111 24.16 2.73 3.76
C TYR A 111 25.54 2.12 3.52
N GLN A 112 25.86 1.04 4.23
CA GLN A 112 27.17 0.41 4.05
C GLN A 112 27.29 -0.24 2.67
N LEU A 113 26.25 -0.96 2.24
CA LEU A 113 26.28 -1.55 0.90
C LEU A 113 26.47 -0.48 -0.16
N GLY A 114 25.83 0.67 0.03
CA GLY A 114 25.98 1.75 -0.94
C GLY A 114 27.39 2.30 -0.98
N GLU A 115 28.01 2.46 0.19
N GLU A 115 28.02 2.43 0.18
CA GLU A 115 29.42 2.84 0.23
CA GLU A 115 29.42 2.85 0.21
C GLU A 115 30.27 1.82 -0.51
C GLU A 115 30.30 1.82 -0.49
N TRP A 116 29.99 0.54 -0.31
CA TRP A 116 30.77 -0.50 -0.96
C TRP A 116 30.55 -0.51 -2.48
N MET A 117 29.34 -0.19 -2.95
N MET A 117 29.34 -0.22 -2.94
CA MET A 117 29.13 -0.12 -4.39
CA MET A 117 29.14 -0.11 -4.39
C MET A 117 29.94 1.01 -5.01
C MET A 117 30.02 0.98 -4.97
N ALA A 118 30.05 2.14 -4.32
CA ALA A 118 30.89 3.25 -4.79
C ALA A 118 32.36 2.86 -4.81
N GLN A 119 32.79 2.01 -3.88
CA GLN A 119 34.20 1.64 -3.77
C GLN A 119 34.54 0.38 -4.57
N GLY A 120 33.61 -0.14 -5.37
CA GLY A 120 33.90 -1.29 -6.19
C GLY A 120 33.97 -2.61 -5.45
N ILE A 121 33.33 -2.70 -4.29
CA ILE A 121 33.39 -3.86 -3.42
C ILE A 121 32.10 -4.68 -3.54
N VAL A 122 30.99 -4.00 -3.75
CA VAL A 122 29.69 -4.65 -3.95
C VAL A 122 29.19 -4.30 -5.35
N ALA A 123 28.57 -5.28 -6.01
CA ALA A 123 28.02 -5.15 -7.36
C ALA A 123 27.27 -3.83 -7.49
N PRO A 124 27.65 -2.99 -8.45
CA PRO A 124 27.00 -1.69 -8.60
C PRO A 124 25.73 -1.83 -9.43
N ILE A 125 25.01 -0.70 -9.53
CA ILE A 125 23.92 -0.63 -10.49
C ILE A 125 24.60 -0.71 -11.85
N PRO A 126 24.27 -1.70 -12.68
CA PRO A 126 25.01 -1.90 -13.93
C PRO A 126 25.08 -0.63 -14.76
N SER A 127 26.27 -0.39 -15.34
CA SER A 127 26.53 0.87 -16.04
C SER A 127 25.50 1.16 -17.12
N GLY A 128 24.95 0.12 -17.74
CA GLY A 128 23.95 0.31 -18.77
C GLY A 128 22.55 -0.07 -18.36
N TYR A 129 22.20 0.16 -17.09
CA TYR A 129 20.83 -0.11 -16.65
C TYR A 129 19.90 1.02 -17.06
N LYS A 130 18.78 0.66 -17.67
CA LYS A 130 17.73 1.59 -18.05
C LYS A 130 16.51 1.32 -17.18
N LEU A 131 16.10 2.31 -16.40
CA LEU A 131 14.90 2.19 -15.60
C LEU A 131 13.70 1.95 -16.53
N SER A 132 12.81 1.05 -16.11
CA SER A 132 11.57 0.83 -16.85
C SER A 132 10.81 2.15 -17.00
N ALA A 133 9.85 2.19 -17.94
CA ALA A 133 9.03 3.38 -18.09
C ALA A 133 8.33 3.76 -16.79
N ASN A 134 7.78 2.78 -16.08
CA ASN A 134 7.09 3.10 -14.83
C ASN A 134 8.07 3.58 -13.77
N ALA A 135 9.25 2.97 -13.71
CA ALA A 135 10.24 3.34 -12.69
C ALA A 135 10.78 4.73 -12.92
N ALA A 136 11.00 5.11 -14.18
CA ALA A 136 11.48 6.45 -14.49
C ALA A 136 10.46 7.49 -14.04
N SER A 137 9.17 7.19 -14.20
CA SER A 137 8.13 8.11 -13.75
C SER A 137 8.11 8.22 -12.22
N VAL A 138 8.29 7.10 -11.53
CA VAL A 138 8.39 7.13 -10.07
C VAL A 138 9.60 7.96 -9.65
N LEU A 139 10.74 7.78 -10.33
CA LEU A 139 11.93 8.55 -9.98
C LEU A 139 11.66 10.04 -10.08
N GLN A 140 11.03 10.48 -11.18
N GLN A 140 11.01 10.47 -11.17
CA GLN A 140 10.72 11.89 -11.35
CA GLN A 140 10.73 11.90 -11.34
C GLN A 140 9.84 12.41 -10.21
C GLN A 140 9.81 12.43 -10.24
N ALA A 141 8.79 11.65 -9.87
CA ALA A 141 7.90 12.07 -8.79
C ALA A 141 8.68 12.27 -7.48
N ILE A 142 9.62 11.38 -7.19
CA ILE A 142 10.40 11.52 -5.96
C ILE A 142 11.24 12.79 -6.00
N GLN A 143 11.77 13.13 -7.18
N GLN A 143 11.80 13.13 -7.17
CA GLN A 143 12.60 14.31 -7.35
CA GLN A 143 12.62 14.34 -7.25
C GLN A 143 11.83 15.61 -7.16
C GLN A 143 11.80 15.59 -6.95
N GLY A 144 10.49 15.55 -7.20
CA GLY A 144 9.65 16.68 -6.94
C GLY A 144 9.13 16.80 -5.52
N LEU A 145 9.52 15.91 -4.62
CA LEU A 145 9.04 15.93 -3.25
C LEU A 145 9.91 16.84 -2.38
N GLU A 146 9.32 17.31 -1.28
CA GLU A 146 10.10 17.94 -0.22
C GLU A 146 11.16 16.97 0.28
N SER A 147 12.30 17.51 0.71
CA SER A 147 13.38 16.67 1.24
C SER A 147 12.88 15.77 2.37
N GLY A 148 12.04 16.32 3.27
CA GLY A 148 11.49 15.50 4.34
C GLY A 148 10.62 14.36 3.80
N GLN A 149 9.91 14.62 2.70
CA GLN A 149 9.07 13.59 2.10
C GLN A 149 9.93 12.56 1.38
N GLN A 150 11.03 12.99 0.77
CA GLN A 150 11.92 12.07 0.06
C GLN A 150 12.55 11.06 1.02
N ILE A 151 13.03 11.52 2.17
CA ILE A 151 13.67 10.57 3.08
C ILE A 151 12.65 9.65 3.72
N THR A 152 11.40 10.10 3.89
N THR A 152 11.40 10.08 3.84
CA THR A 152 10.34 9.19 4.34
CA THR A 152 10.37 9.18 4.37
C THR A 152 10.16 8.04 3.36
C THR A 152 10.05 8.05 3.38
N VAL A 153 9.97 8.37 2.09
CA VAL A 153 9.78 7.35 1.07
C VAL A 153 10.92 6.35 1.11
N LEU A 154 12.16 6.85 1.14
CA LEU A 154 13.32 5.96 1.15
C LEU A 154 13.31 5.07 2.39
N ARG A 155 13.06 5.65 3.56
CA ARG A 155 13.07 4.86 4.79
C ARG A 155 11.99 3.78 4.74
N ASN A 156 10.78 4.13 4.32
CA ASN A 156 9.72 3.14 4.32
C ASN A 156 10.00 2.02 3.34
N CYS A 157 10.58 2.35 2.17
CA CYS A 157 10.97 1.31 1.23
C CYS A 157 12.02 0.38 1.84
N VAL A 158 13.01 0.95 2.53
CA VAL A 158 14.05 0.12 3.15
C VAL A 158 13.46 -0.80 4.21
N VAL A 159 12.59 -0.24 5.06
CA VAL A 159 12.09 -0.97 6.22
C VAL A 159 11.25 -2.16 5.78
N ASP A 160 10.54 -2.04 4.65
CA ASP A 160 9.65 -3.11 4.19
C ASP A 160 10.35 -4.21 3.41
N MET A 161 11.67 -4.14 3.20
CA MET A 161 12.29 -5.27 2.52
C MET A 161 12.60 -6.40 3.49
N GLY A 162 13.07 -7.52 2.94
CA GLY A 162 13.35 -8.69 3.74
C GLY A 162 12.08 -9.42 4.12
N PHE A 163 12.25 -10.34 5.07
CA PHE A 163 11.16 -11.20 5.51
C PHE A 163 10.29 -10.51 6.55
N ASP A 164 8.99 -10.82 6.50
CA ASP A 164 8.03 -10.17 7.39
C ASP A 164 8.20 -10.68 8.82
N THR A 165 7.95 -9.78 9.77
CA THR A 165 8.02 -10.12 11.19
C THR A 165 6.71 -10.76 11.67
N ARG A 173 13.85 -11.42 17.13
CA ARG A 173 13.98 -9.99 16.87
C ARG A 173 15.07 -9.36 17.74
N VAL A 174 15.95 -8.60 17.09
CA VAL A 174 17.06 -7.97 17.81
C VAL A 174 16.55 -6.91 18.77
N SER A 175 17.10 -6.90 19.98
CA SER A 175 16.79 -5.91 20.99
C SER A 175 17.97 -4.97 21.14
N GLU A 176 17.71 -3.67 21.12
CA GLU A 176 18.75 -2.66 21.18
C GLU A 176 18.70 -1.90 22.51
N PRO A 177 19.81 -1.34 22.95
CA PRO A 177 19.80 -0.52 24.17
C PRO A 177 18.99 0.76 23.94
N VAL A 178 18.48 1.30 25.03
CA VAL A 178 17.70 2.52 24.96
C VAL A 178 18.59 3.68 25.42
N VAL A 179 18.49 4.81 24.71
N VAL A 179 18.51 4.80 24.70
CA VAL A 179 19.17 6.06 25.05
CA VAL A 179 19.29 5.96 25.09
C VAL A 179 18.89 6.42 26.51
C VAL A 179 18.91 6.38 26.51
N VAL A 180 19.87 6.99 27.20
CA VAL A 180 19.63 7.46 28.56
C VAL A 180 19.07 8.87 28.47
N PRO A 181 18.07 9.21 29.27
CA PRO A 181 17.47 10.54 29.19
C PRO A 181 18.48 11.64 29.50
N ARG A 182 18.27 12.80 28.87
CA ARG A 182 19.15 13.93 29.09
C ARG A 182 18.99 14.47 30.51
N ASP A 183 20.11 14.85 31.12
CA ASP A 183 20.10 15.43 32.49
C ASP A 183 19.21 16.67 32.47
N MET A 184 18.47 16.93 33.55
CA MET A 184 17.57 18.07 33.71
C MET A 184 18.28 19.39 33.43
N ALA A 185 19.53 19.52 33.90
CA ALA A 185 20.23 20.79 33.74
C ALA A 185 20.57 21.09 32.28
N GLN A 186 20.71 20.06 31.45
CA GLN A 186 21.08 20.24 30.05
C GLN A 186 19.88 20.34 29.12
N ARG A 187 18.67 20.29 29.65
CA ARG A 187 17.48 20.25 28.81
C ARG A 187 17.09 21.65 28.36
N THR A 188 16.58 21.72 27.13
CA THR A 188 15.92 22.92 26.63
C THR A 188 14.42 22.78 26.81
N GLN A 189 13.71 23.87 26.60
CA GLN A 189 12.26 23.88 26.70
C GLN A 189 11.67 24.53 25.45
N VAL A 190 10.66 23.90 24.88
CA VAL A 190 10.06 24.44 23.66
C VAL A 190 9.21 25.66 23.99
N THR A 191 9.00 26.49 22.98
CA THR A 191 8.06 27.61 23.05
C THR A 191 7.11 27.47 21.87
N ILE A 192 5.82 27.40 22.15
CA ILE A 192 4.81 27.23 21.12
C ILE A 192 3.91 28.46 21.14
N GLU A 193 3.94 29.22 20.04
CA GLU A 193 3.05 30.37 19.94
C GLU A 193 1.60 29.95 20.00
N GLY A 194 0.91 30.33 21.07
CA GLY A 194 -0.50 30.05 21.24
C GLY A 194 -0.84 28.90 22.17
N ILE A 195 0.16 28.21 22.71
CA ILE A 195 -0.06 27.02 23.52
C ILE A 195 0.76 27.15 24.80
N ASP A 196 0.08 27.11 25.95
CA ASP A 196 0.79 26.95 27.20
C ASP A 196 0.39 25.67 27.93
N ASN A 197 -0.36 24.79 27.26
CA ASN A 197 -0.88 23.59 27.90
C ASN A 197 0.27 22.71 28.39
N PRO A 198 0.35 22.43 29.70
CA PRO A 198 1.55 21.76 30.24
C PRO A 198 1.73 20.35 29.72
N THR A 199 0.63 19.63 29.46
CA THR A 199 0.74 18.27 28.94
C THR A 199 1.38 18.27 27.55
N VAL A 200 0.99 19.21 26.68
CA VAL A 200 1.58 19.27 25.35
C VAL A 200 3.05 19.68 25.43
N LEU A 201 3.36 20.70 26.24
CA LEU A 201 4.74 21.11 26.41
C LEU A 201 5.59 19.97 26.99
N ASN A 202 5.04 19.25 27.98
CA ASN A 202 5.79 18.13 28.57
C ASN A 202 6.00 17.02 27.56
N TYR A 203 5.02 16.77 26.67
CA TYR A 203 5.22 15.81 25.58
C TYR A 203 6.45 16.18 24.76
N MET A 204 6.48 17.41 24.22
CA MET A 204 7.62 17.87 23.42
C MET A 204 8.93 17.79 24.18
N ASN A 205 8.96 18.32 25.41
CA ASN A 205 10.22 18.41 26.15
C ASN A 205 10.74 17.02 26.53
N ASN A 206 9.84 16.10 26.93
CA ASN A 206 10.31 14.77 27.28
C ASN A 206 10.72 13.98 26.05
N MET A 207 10.08 14.20 24.91
N MET A 207 10.06 14.21 24.92
CA MET A 207 10.55 13.59 23.67
CA MET A 207 10.51 13.61 23.66
C MET A 207 11.95 14.06 23.34
C MET A 207 11.94 14.07 23.34
N ASN A 208 12.18 15.39 23.38
CA ASN A 208 13.50 15.92 23.07
C ASN A 208 14.56 15.45 24.06
N ALA A 209 14.18 15.07 25.27
CA ALA A 209 15.11 14.59 26.28
C ALA A 209 15.19 13.07 26.33
N ASN A 210 14.49 12.37 25.44
CA ASN A 210 14.43 10.91 25.46
C ASN A 210 13.99 10.35 26.82
N ASP A 211 13.14 11.09 27.53
CA ASP A 211 12.69 10.65 28.85
C ASP A 211 11.37 9.91 28.73
N PHE A 212 11.46 8.69 28.19
CA PHE A 212 10.24 7.98 27.80
C PHE A 212 9.44 7.50 29.01
N GLU A 213 10.09 7.27 30.15
CA GLU A 213 9.36 6.83 31.34
C GLU A 213 8.46 7.94 31.87
N VAL A 214 8.92 9.20 31.82
CA VAL A 214 8.05 10.31 32.19
C VAL A 214 7.01 10.55 31.11
N LEU A 215 7.40 10.41 29.85
CA LEU A 215 6.50 10.69 28.73
C LEU A 215 5.26 9.80 28.79
N ILE A 216 5.45 8.49 29.01
CA ILE A 216 4.31 7.56 28.95
C ILE A 216 3.29 7.88 30.03
N GLU A 217 3.72 8.47 31.14
CA GLU A 217 2.77 8.77 32.20
C GLU A 217 1.84 9.93 31.85
N LEU A 218 2.12 10.65 30.76
CA LEU A 218 1.19 11.65 30.26
C LEU A 218 -0.04 11.06 29.60
N PHE A 219 -0.04 9.77 29.29
CA PHE A 219 -1.14 9.15 28.55
C PHE A 219 -2.17 8.56 29.49
N THR A 220 -3.41 8.45 29.00
CA THR A 220 -4.43 7.65 29.67
C THR A 220 -4.08 6.17 29.53
N PRO A 221 -4.64 5.30 30.39
CA PRO A 221 -4.32 3.86 30.25
C PRO A 221 -4.75 3.29 28.90
N ASP A 222 -5.86 3.76 28.33
CA ASP A 222 -6.32 3.31 27.03
C ASP A 222 -5.92 4.27 25.91
N GLY A 223 -4.96 5.16 26.18
CA GLY A 223 -4.57 6.14 25.19
C GLY A 223 -3.79 5.54 24.04
N ALA A 224 -3.73 6.30 22.94
CA ALA A 224 -3.16 5.84 21.69
C ALA A 224 -2.27 6.90 21.07
N LEU A 225 -1.29 6.43 20.31
CA LEU A 225 -0.42 7.28 19.51
C LEU A 225 -0.45 6.78 18.06
N GLN A 226 -0.63 7.69 17.13
CA GLN A 226 -0.71 7.36 15.71
C GLN A 226 0.48 7.93 14.96
N PRO A 227 1.46 7.13 14.59
CA PRO A 227 2.59 7.65 13.79
C PRO A 227 2.16 7.99 12.38
N PRO A 228 2.98 8.73 11.64
CA PRO A 228 2.59 9.10 10.27
C PRO A 228 2.33 7.88 9.40
N PHE A 229 1.17 7.87 8.76
CA PHE A 229 0.77 6.84 7.79
C PHE A 229 0.65 5.45 8.41
N GLN A 230 0.48 5.36 9.72
CA GLN A 230 0.29 4.10 10.42
C GLN A 230 -1.00 4.15 11.23
N LYS A 231 -1.42 2.99 11.73
CA LYS A 231 -2.62 2.91 12.53
C LYS A 231 -2.30 3.24 13.99
N PRO A 232 -3.31 3.62 14.78
CA PRO A 232 -3.05 3.94 16.18
C PRO A 232 -2.43 2.78 16.93
N ILE A 233 -1.44 3.12 17.78
CA ILE A 233 -0.83 2.19 18.72
C ILE A 233 -1.51 2.43 20.07
N VAL A 234 -2.22 1.43 20.58
CA VAL A 234 -3.15 1.63 21.69
C VAL A 234 -2.60 1.02 22.97
N GLY A 235 -2.63 1.80 24.05
CA GLY A 235 -2.26 1.33 25.37
C GLY A 235 -0.83 1.68 25.74
N LYS A 236 -0.62 1.94 27.03
CA LYS A 236 0.68 2.42 27.51
C LYS A 236 1.80 1.43 27.19
N ASP A 237 1.51 0.14 27.28
CA ASP A 237 2.53 -0.88 27.00
C ASP A 237 3.05 -0.76 25.58
N ALA A 238 2.14 -0.73 24.60
CA ALA A 238 2.54 -0.68 23.20
C ALA A 238 3.16 0.66 22.84
N VAL A 239 2.62 1.75 23.40
CA VAL A 239 3.18 3.08 23.12
C VAL A 239 4.60 3.19 23.68
N LEU A 240 4.82 2.72 24.91
CA LEU A 240 6.15 2.80 25.49
C LEU A 240 7.16 1.99 24.69
N ARG A 241 6.77 0.79 24.25
CA ARG A 241 7.63 0.01 23.37
C ARG A 241 7.99 0.79 22.12
N PHE A 242 6.99 1.43 21.50
CA PHE A 242 7.23 2.21 20.30
C PHE A 242 8.22 3.35 20.57
N PHE A 243 8.02 4.08 21.67
CA PHE A 243 8.95 5.14 22.06
C PHE A 243 10.38 4.62 22.12
N ARG A 244 10.57 3.45 22.76
N ARG A 244 10.55 3.45 22.75
CA ARG A 244 11.92 2.98 23.01
CA ARG A 244 11.89 2.94 23.02
C ARG A 244 12.62 2.51 21.74
C ARG A 244 12.61 2.53 21.74
N GLU A 245 11.89 1.91 20.79
CA GLU A 245 12.53 1.41 19.58
C GLU A 245 12.64 2.44 18.47
N GLU A 246 11.69 3.38 18.37
N GLU A 246 11.70 3.39 18.38
CA GLU A 246 11.61 4.25 17.20
CA GLU A 246 11.59 4.25 17.21
C GLU A 246 11.89 5.72 17.46
C GLU A 246 11.84 5.73 17.46
N CYS A 247 11.72 6.21 18.69
CA CYS A 247 11.69 7.65 18.96
C CYS A 247 12.95 8.17 19.63
N GLN A 248 14.11 7.61 19.30
CA GLN A 248 15.35 7.94 19.98
C GLN A 248 16.05 9.09 19.25
N ASN A 249 16.47 10.10 20.03
CA ASN A 249 17.34 11.18 19.56
C ASN A 249 16.68 12.09 18.51
N LEU A 250 15.37 12.21 18.53
CA LEU A 250 14.71 13.16 17.63
C LEU A 250 14.84 14.57 18.18
N LYS A 251 14.70 15.56 17.31
CA LYS A 251 14.62 16.96 17.75
C LYS A 251 13.31 17.55 17.26
N LEU A 252 12.41 17.84 18.20
CA LEU A 252 11.10 18.39 17.88
C LEU A 252 11.16 19.91 18.02
N ILE A 253 10.78 20.61 16.96
CA ILE A 253 10.78 22.07 16.99
C ILE A 253 9.37 22.59 16.73
N PRO A 254 8.45 22.42 17.68
CA PRO A 254 7.11 22.97 17.50
C PRO A 254 7.18 24.49 17.57
N GLU A 255 6.31 25.15 16.83
N GLU A 255 6.31 25.15 16.82
CA GLU A 255 6.36 26.61 16.78
CA GLU A 255 6.32 26.61 16.88
C GLU A 255 5.01 27.31 16.85
C GLU A 255 4.94 27.22 17.08
N ARG A 256 3.91 26.66 16.45
CA ARG A 256 2.59 27.28 16.44
C ARG A 256 1.55 26.27 16.90
N GLY A 257 0.51 26.77 17.57
CA GLY A 257 -0.53 25.87 18.02
C GLY A 257 -1.85 26.57 18.21
N VAL A 258 -2.89 25.76 18.36
CA VAL A 258 -4.24 26.24 18.64
C VAL A 258 -4.93 25.22 19.54
N THR A 259 -5.74 25.72 20.46
CA THR A 259 -6.46 24.84 21.38
C THR A 259 -7.94 25.21 21.33
N GLU A 260 -8.79 24.20 21.51
CA GLU A 260 -10.22 24.43 21.44
C GLU A 260 -10.93 23.31 22.19
N PRO A 261 -12.14 23.55 22.67
CA PRO A 261 -12.86 22.53 23.44
C PRO A 261 -13.31 21.39 22.55
N ALA A 262 -13.54 20.24 23.19
CA ALA A 262 -14.15 19.08 22.56
C ALA A 262 -15.30 18.61 23.44
N ASP A 263 -15.99 17.57 22.96
CA ASP A 263 -17.15 17.05 23.68
C ASP A 263 -16.72 16.40 24.99
N GLY A 264 -17.53 16.58 26.03
CA GLY A 264 -17.33 15.92 27.29
C GLY A 264 -16.24 16.49 28.17
N GLY A 265 -15.90 17.77 27.99
CA GLY A 265 -14.81 18.35 28.73
C GLY A 265 -13.43 18.03 28.20
N TYR A 266 -13.33 17.35 27.06
CA TYR A 266 -12.03 17.09 26.47
C TYR A 266 -11.49 18.36 25.82
N THR A 267 -10.19 18.37 25.55
CA THR A 267 -9.56 19.48 24.86
C THR A 267 -8.81 18.92 23.67
N GLN A 268 -8.92 19.58 22.52
CA GLN A 268 -8.16 19.17 21.36
C GLN A 268 -7.22 20.28 20.95
N ILE A 269 -5.97 19.91 20.68
CA ILE A 269 -4.90 20.85 20.41
C ILE A 269 -4.18 20.39 19.15
N LYS A 270 -3.92 21.33 18.25
CA LYS A 270 -3.09 21.07 17.08
C LYS A 270 -1.84 21.95 17.16
N VAL A 271 -0.69 21.32 16.92
CA VAL A 271 0.60 22.02 16.93
C VAL A 271 1.27 21.71 15.60
N THR A 272 1.96 22.71 15.03
CA THR A 272 2.77 22.50 13.84
C THR A 272 4.21 22.94 14.09
N GLY A 273 5.12 22.33 13.36
CA GLY A 273 6.51 22.65 13.51
C GLY A 273 7.36 21.75 12.65
N LYS A 274 8.64 21.72 12.96
CA LYS A 274 9.59 20.90 12.22
C LYS A 274 10.17 19.84 13.14
N VAL A 275 10.64 18.75 12.53
CA VAL A 275 11.30 17.67 13.26
C VAL A 275 12.55 17.29 12.49
N GLN A 276 13.64 17.06 13.21
CA GLN A 276 14.89 16.57 12.64
C GLN A 276 15.16 15.16 13.14
N THR A 277 15.61 14.30 12.23
CA THR A 277 16.00 12.95 12.61
C THR A 277 17.51 12.88 12.79
N PRO A 278 18.01 12.05 13.72
CA PRO A 278 19.47 11.93 13.88
C PRO A 278 20.18 11.39 12.65
N TRP A 279 19.44 10.83 11.67
CA TRP A 279 20.10 10.38 10.45
C TRP A 279 20.67 11.54 9.65
N PHE A 280 19.98 12.68 9.64
CA PHE A 280 20.39 13.83 8.85
C PHE A 280 20.64 15.10 9.65
N GLY A 281 20.37 15.10 10.97
CA GLY A 281 20.61 16.29 11.75
C GLY A 281 19.86 17.48 11.22
N ALA A 282 20.51 18.65 11.23
CA ALA A 282 19.84 19.84 10.75
C ALA A 282 19.72 19.90 9.24
N GLY A 283 20.20 18.88 8.53
CA GLY A 283 20.17 18.88 7.08
C GLY A 283 18.77 18.73 6.50
N VAL A 284 17.88 18.05 7.22
CA VAL A 284 16.49 17.88 6.78
C VAL A 284 15.57 18.28 7.93
N GLY A 285 14.66 19.20 7.64
CA GLY A 285 13.61 19.55 8.59
C GLY A 285 12.26 19.14 8.04
N MET A 286 11.62 18.15 8.66
CA MET A 286 10.32 17.69 8.20
C MET A 286 9.19 18.50 8.83
N ASN A 287 8.23 18.87 8.00
CA ASN A 287 7.08 19.68 8.42
C ASN A 287 6.01 18.75 8.98
N MET A 288 5.70 18.91 10.27
N MET A 288 5.65 18.98 10.24
CA MET A 288 4.85 17.97 10.98
CA MET A 288 4.80 18.08 10.97
C MET A 288 3.78 18.68 11.80
C MET A 288 3.62 18.81 11.59
N ALA A 289 2.63 18.02 11.97
CA ALA A 289 1.59 18.44 12.87
C ALA A 289 1.42 17.38 13.95
N TRP A 290 1.07 17.84 15.14
CA TRP A 290 0.66 16.98 16.24
C TRP A 290 -0.79 17.33 16.54
N ARG A 291 -1.65 16.32 16.60
CA ARG A 291 -3.05 16.52 16.93
C ARG A 291 -3.33 15.77 18.23
N PHE A 292 -3.64 16.50 19.29
CA PHE A 292 -3.85 15.92 20.61
C PHE A 292 -5.34 15.94 20.96
N LEU A 293 -5.79 14.88 21.62
CA LEU A 293 -7.09 14.88 22.29
C LEU A 293 -6.80 14.60 23.76
N LEU A 294 -7.05 15.58 24.62
CA LEU A 294 -6.70 15.50 26.03
C LEU A 294 -7.97 15.30 26.85
N SER A 295 -7.87 14.43 27.85
CA SER A 295 -8.97 14.14 28.74
C SER A 295 -9.19 15.33 29.68
N PRO A 296 -10.34 15.37 30.37
CA PRO A 296 -10.53 16.42 31.39
C PRO A 296 -9.44 16.46 32.45
N GLU A 297 -8.78 15.33 32.70
CA GLU A 297 -7.70 15.26 33.68
C GLU A 297 -6.33 15.56 33.08
N ASN A 298 -6.29 16.20 31.91
CA ASN A 298 -5.06 16.67 31.26
C ASN A 298 -4.15 15.52 30.82
N LYS A 299 -4.71 14.35 30.51
CA LYS A 299 -3.93 13.23 30.03
C LYS A 299 -4.16 13.04 28.54
N ILE A 300 -3.17 12.47 27.86
CA ILE A 300 -3.26 12.25 26.41
C ILE A 300 -4.09 11.00 26.16
N PHE A 301 -5.30 11.19 25.63
CA PHE A 301 -6.11 10.06 25.19
C PHE A 301 -5.71 9.62 23.80
N PHE A 302 -5.27 10.55 22.97
CA PHE A 302 -4.91 10.26 21.59
C PHE A 302 -3.97 11.35 21.11
N VAL A 303 -2.89 10.96 20.44
CA VAL A 303 -2.10 11.94 19.70
C VAL A 303 -1.76 11.34 18.34
N ALA A 304 -2.00 12.10 17.29
CA ALA A 304 -1.58 11.74 15.95
C ALA A 304 -0.44 12.66 15.52
N ILE A 305 0.55 12.09 14.84
CA ILE A 305 1.68 12.85 14.31
C ILE A 305 1.62 12.68 12.80
N ASP A 306 1.52 13.80 12.08
CA ASP A 306 1.34 13.79 10.63
C ASP A 306 2.52 14.46 9.95
N LEU A 307 2.92 13.91 8.81
CA LEU A 307 3.80 14.61 7.88
C LEU A 307 2.93 15.46 6.97
N LEU A 308 3.23 16.75 6.90
CA LEU A 308 2.37 17.70 6.23
C LEU A 308 2.67 17.78 4.73
N ALA A 309 1.64 18.13 3.95
CA ALA A 309 1.76 18.12 2.49
C ALA A 309 2.77 19.16 1.98
N SER A 310 2.91 20.28 2.66
CA SER A 310 3.79 21.35 2.20
C SER A 310 3.98 22.33 3.34
N PRO A 311 5.02 23.18 3.26
CA PRO A 311 5.23 24.18 4.31
C PRO A 311 4.03 25.07 4.58
N LYS A 312 3.16 25.31 3.62
CA LYS A 312 2.04 26.22 3.97
C LYS A 312 1.15 25.59 5.02
N GLU A 313 1.17 24.27 5.13
CA GLU A 313 0.34 23.61 6.13
C GLU A 313 0.77 23.95 7.54
N LEU A 314 1.99 24.46 7.71
CA LEU A 314 2.43 24.91 9.04
C LEU A 314 1.54 26.01 9.57
N LEU A 315 0.95 26.81 8.68
CA LEU A 315 0.09 27.92 9.07
C LEU A 315 -1.37 27.55 9.17
N ASN A 316 -1.73 26.30 8.83
CA ASN A 316 -3.13 25.89 8.81
C ASN A 316 -3.55 25.51 10.23
N LEU A 317 -4.09 26.50 10.95
CA LEU A 317 -4.46 26.30 12.35
C LEU A 317 -5.88 26.74 12.62
N VAL A 318 -6.77 26.60 11.64
CA VAL A 318 -8.19 26.81 11.90
C VAL A 318 -8.72 25.57 12.61
N ARG A 319 -9.93 25.66 13.14
CA ARG A 319 -10.52 24.47 13.75
C ARG A 319 -10.79 23.43 12.66
N SER B 2 17.38 -21.04 -16.79
CA SER B 2 17.56 -19.79 -17.52
C SER B 2 16.72 -18.66 -16.93
N PHE B 3 15.46 -18.97 -16.60
CA PHE B 3 14.53 -18.00 -16.04
C PHE B 3 14.05 -18.48 -14.68
N THR B 4 13.72 -17.52 -13.83
CA THR B 4 12.93 -17.74 -12.63
C THR B 4 11.68 -16.88 -12.73
N VAL B 5 10.73 -17.11 -11.82
CA VAL B 5 9.52 -16.30 -11.81
C VAL B 5 9.87 -14.84 -11.61
N ASP B 6 10.74 -14.55 -10.63
CA ASP B 6 11.10 -13.16 -10.36
C ASP B 6 11.82 -12.54 -11.55
N SER B 7 12.63 -13.32 -12.27
CA SER B 7 13.30 -12.75 -13.43
C SER B 7 12.37 -12.62 -14.63
N ALA B 8 11.29 -13.40 -14.69
CA ALA B 8 10.33 -13.26 -15.78
C ALA B 8 9.49 -12.00 -15.65
N ARG B 9 9.36 -11.44 -14.43
CA ARG B 9 8.49 -10.30 -14.19
C ARG B 9 8.84 -9.10 -15.05
N GLY B 10 10.09 -9.00 -15.49
CA GLY B 10 10.55 -7.83 -16.19
C GLY B 10 10.44 -7.85 -17.70
N ILE B 11 9.79 -8.87 -18.29
CA ILE B 11 9.67 -8.90 -19.75
C ILE B 11 8.81 -7.72 -20.20
N PHE B 12 9.14 -7.19 -21.38
CA PHE B 12 8.49 -6.00 -21.94
C PHE B 12 8.46 -4.85 -20.91
N PRO B 13 9.63 -4.37 -20.48
CA PRO B 13 9.69 -3.50 -19.30
C PRO B 13 9.12 -2.12 -19.51
N ASN B 14 8.98 -1.64 -20.75
CA ASN B 14 8.44 -0.32 -20.97
C ASN B 14 6.92 -0.33 -21.16
N THR B 15 6.27 -1.42 -20.79
CA THR B 15 4.82 -1.45 -20.65
C THR B 15 4.42 -0.52 -19.52
N LEU B 16 3.72 0.57 -19.83
CA LEU B 16 3.39 1.59 -18.84
C LEU B 16 2.05 1.23 -18.18
N THR B 17 2.11 0.78 -16.93
CA THR B 17 0.90 0.38 -16.23
C THR B 17 0.29 1.56 -15.50
N ALA B 18 -0.99 1.40 -15.14
CA ALA B 18 -1.76 2.45 -14.49
C ALA B 18 -1.47 2.46 -12.99
N ASP B 19 -0.23 2.75 -12.63
CA ASP B 19 0.07 2.69 -11.20
C ASP B 19 -0.57 3.83 -10.40
N VAL B 20 -1.29 4.76 -11.05
CA VAL B 20 -2.14 5.70 -10.32
C VAL B 20 -3.20 4.97 -9.49
N VAL B 21 -3.58 3.77 -9.91
CA VAL B 21 -4.59 2.98 -9.19
C VAL B 21 -4.04 2.55 -7.82
N PRO B 22 -2.92 1.82 -7.72
CA PRO B 22 -2.36 1.55 -6.37
C PRO B 22 -1.99 2.81 -5.62
N ALA B 23 -1.55 3.87 -6.32
CA ALA B 23 -1.24 5.12 -5.63
C ALA B 23 -2.48 5.69 -4.95
N THR B 24 -3.62 5.67 -5.68
CA THR B 24 -4.84 6.26 -5.14
C THR B 24 -5.41 5.42 -4.01
N ILE B 25 -5.31 4.09 -4.13
N ILE B 25 -5.32 4.09 -4.10
CA ILE B 25 -5.74 3.20 -3.07
CA ILE B 25 -5.83 3.30 -2.99
C ILE B 25 -4.95 3.47 -1.79
C ILE B 25 -4.94 3.49 -1.75
N ALA B 26 -3.64 3.67 -1.93
CA ALA B 26 -2.80 3.98 -0.78
C ALA B 26 -3.23 5.29 -0.11
N ARG B 27 -3.64 6.27 -0.91
CA ARG B 27 -4.16 7.52 -0.37
C ARG B 27 -5.47 7.28 0.36
N PHE B 28 -6.37 6.51 -0.26
CA PHE B 28 -7.64 6.16 0.36
C PHE B 28 -7.43 5.46 1.69
N ASN B 29 -6.39 4.61 1.78
CA ASN B 29 -6.12 3.85 3.00
C ASN B 29 -5.73 4.73 4.18
N GLN B 30 -5.32 5.97 3.93
CA GLN B 30 -4.96 6.90 5.00
C GLN B 30 -6.16 7.55 5.65
N LEU B 31 -7.33 7.48 5.00
CA LEU B 31 -8.51 8.17 5.50
C LEU B 31 -9.16 7.39 6.63
N ASN B 32 -9.86 8.10 7.51
CA ASN B 32 -10.57 7.38 8.56
C ASN B 32 -11.83 6.73 8.00
N ALA B 33 -12.39 5.80 8.78
CA ALA B 33 -13.47 4.93 8.32
C ALA B 33 -14.67 5.73 7.81
N GLU B 34 -15.07 6.78 8.53
N GLU B 34 -15.09 6.77 8.54
CA GLU B 34 -16.24 7.55 8.12
CA GLU B 34 -16.25 7.54 8.11
C GLU B 34 -15.98 8.34 6.84
C GLU B 34 -15.97 8.29 6.80
N ASP B 35 -14.76 8.83 6.66
CA ASP B 35 -14.39 9.48 5.40
C ASP B 35 -14.35 8.48 4.25
N GLN B 36 -13.87 7.27 4.52
CA GLN B 36 -13.76 6.26 3.47
C GLN B 36 -15.14 5.87 2.94
N LEU B 37 -16.09 5.62 3.86
CA LEU B 37 -17.43 5.25 3.45
C LEU B 37 -18.10 6.37 2.66
N ALA B 38 -17.96 7.61 3.13
CA ALA B 38 -18.57 8.74 2.45
C ALA B 38 -17.96 8.95 1.07
N LEU B 39 -16.64 8.83 0.95
CA LEU B 39 -16.00 9.01 -0.35
C LEU B 39 -16.53 8.02 -1.37
N ILE B 40 -16.63 6.74 -0.99
CA ILE B 40 -17.10 5.72 -1.93
C ILE B 40 -18.55 5.98 -2.32
N TRP B 41 -19.38 6.35 -1.35
CA TRP B 41 -20.76 6.70 -1.64
C TRP B 41 -20.84 7.76 -2.74
N PHE B 42 -20.11 8.86 -2.58
CA PHE B 42 -20.15 9.91 -3.59
C PHE B 42 -19.55 9.43 -4.91
N ALA B 43 -18.41 8.74 -4.87
CA ALA B 43 -17.82 8.22 -6.11
C ALA B 43 -18.80 7.28 -6.82
N TYR B 44 -19.41 6.36 -6.06
CA TYR B 44 -20.34 5.39 -6.60
C TYR B 44 -21.56 6.05 -7.21
N LEU B 45 -22.07 7.10 -6.55
CA LEU B 45 -23.24 7.82 -7.03
C LEU B 45 -22.92 8.61 -8.30
N GLU B 46 -21.80 9.33 -8.28
N GLU B 46 -21.82 9.38 -8.27
CA GLU B 46 -21.46 10.23 -9.39
CA GLU B 46 -21.50 10.27 -9.37
C GLU B 46 -20.95 9.51 -10.62
C GLU B 46 -20.85 9.57 -10.55
N MET B 47 -20.68 8.21 -10.53
N MET B 47 -20.75 8.25 -10.53
CA MET B 47 -20.23 7.48 -11.71
CA MET B 47 -20.29 7.50 -11.69
C MET B 47 -21.40 7.27 -12.67
C MET B 47 -21.43 7.29 -12.67
N GLY B 48 -21.14 7.45 -13.96
CA GLY B 48 -22.17 7.36 -14.96
C GLY B 48 -22.31 5.98 -15.56
N LYS B 49 -21.91 4.95 -14.81
CA LYS B 49 -21.89 3.58 -15.29
C LYS B 49 -22.85 2.75 -14.45
N THR B 50 -23.73 2.00 -15.10
CA THR B 50 -24.72 1.20 -14.42
C THR B 50 -24.18 -0.19 -14.14
N ILE B 51 -24.22 -0.59 -12.87
CA ILE B 51 -23.86 -1.95 -12.49
C ILE B 51 -24.96 -2.90 -12.91
N THR B 52 -24.58 -4.11 -13.27
CA THR B 52 -25.53 -5.21 -13.40
C THR B 52 -25.11 -6.34 -12.47
N VAL B 53 -26.07 -6.83 -11.69
CA VAL B 53 -25.92 -8.11 -11.01
C VAL B 53 -26.51 -9.18 -11.91
N ALA B 54 -26.11 -10.43 -11.65
CA ALA B 54 -26.03 -11.57 -12.57
C ALA B 54 -24.56 -11.90 -12.67
N ALA B 55 -23.74 -10.84 -12.60
CA ALA B 55 -22.33 -10.98 -12.23
C ALA B 55 -22.16 -11.63 -10.88
N LEU B 56 -23.24 -11.85 -10.14
CA LEU B 56 -23.19 -12.28 -8.75
C LEU B 56 -23.35 -13.79 -8.63
N GLY B 57 -24.58 -14.28 -8.74
CA GLY B 57 -24.85 -15.69 -8.60
C GLY B 57 -25.45 -16.05 -7.26
N ALA B 58 -26.36 -17.03 -7.24
CA ALA B 58 -27.08 -17.36 -6.02
C ALA B 58 -26.22 -18.10 -5.02
N ALA B 59 -25.45 -19.09 -5.49
CA ALA B 59 -24.59 -19.84 -4.59
C ALA B 59 -23.54 -18.94 -3.94
N ASN B 60 -23.18 -17.85 -4.60
CA ASN B 60 -22.23 -16.90 -4.02
C ASN B 60 -22.87 -16.12 -2.88
N MET B 61 -23.99 -15.45 -3.15
CA MET B 61 -24.60 -14.56 -2.17
C MET B 61 -25.21 -15.29 -0.98
N GLN B 62 -25.38 -16.61 -1.03
N GLN B 62 -25.37 -16.61 -1.03
CA GLN B 62 -25.87 -17.32 0.15
CA GLN B 62 -25.85 -17.36 0.12
C GLN B 62 -24.91 -17.22 1.32
C GLN B 62 -24.91 -17.21 1.31
N PHE B 63 -23.63 -16.94 1.05
CA PHE B 63 -22.66 -16.83 2.13
C PHE B 63 -22.85 -15.54 2.92
N ALA B 64 -23.21 -14.46 2.23
CA ALA B 64 -23.41 -13.16 2.87
C ALA B 64 -24.85 -12.93 3.30
N GLU B 65 -25.75 -13.86 3.01
CA GLU B 65 -27.16 -13.67 3.36
C GLU B 65 -27.35 -13.55 4.87
N ILE B 66 -26.73 -14.46 5.63
CA ILE B 66 -26.81 -14.40 7.09
C ILE B 66 -26.43 -13.01 7.58
N THR B 67 -25.27 -12.51 7.12
CA THR B 67 -24.81 -11.19 7.55
C THR B 67 -25.75 -10.08 7.11
N MET B 68 -26.25 -10.14 5.87
CA MET B 68 -27.14 -9.08 5.41
C MET B 68 -28.46 -9.07 6.18
N ASN B 69 -29.04 -10.25 6.45
CA ASN B 69 -30.25 -10.28 7.27
C ASN B 69 -29.97 -9.80 8.69
N GLN B 70 -28.80 -10.15 9.22
CA GLN B 70 -28.46 -9.70 10.56
C GLN B 70 -28.29 -8.18 10.61
N ILE B 71 -27.70 -7.60 9.56
CA ILE B 71 -27.55 -6.15 9.49
C ILE B 71 -28.91 -5.46 9.35
N ARG B 72 -29.81 -6.04 8.56
CA ARG B 72 -31.08 -5.37 8.28
C ARG B 72 -31.94 -5.22 9.52
N GLN B 73 -31.68 -6.00 10.55
N GLN B 73 -31.70 -6.01 10.56
CA GLN B 73 -32.43 -5.97 11.80
CA GLN B 73 -32.47 -5.90 11.79
C GLN B 73 -31.79 -5.06 12.85
C GLN B 73 -31.68 -5.23 12.91
N MET B 74 -30.63 -4.49 12.57
CA MET B 74 -29.88 -3.68 13.51
C MET B 74 -30.37 -2.23 13.44
N SER B 75 -30.15 -1.49 14.53
CA SER B 75 -30.44 -0.07 14.51
C SER B 75 -29.50 0.65 13.55
N PHE B 76 -29.86 1.88 13.19
CA PHE B 76 -28.97 2.71 12.38
C PHE B 76 -27.59 2.84 13.03
N GLN B 77 -27.57 3.00 14.35
CA GLN B 77 -26.32 3.12 15.09
C GLN B 77 -25.46 1.88 14.94
N GLU B 78 -26.06 0.70 15.12
CA GLU B 78 -25.29 -0.54 15.02
C GLU B 78 -24.83 -0.78 13.58
N GLN B 79 -25.63 -0.37 12.59
CA GLN B 79 -25.26 -0.57 11.19
C GLN B 79 -24.00 0.20 10.85
N THR B 80 -23.96 1.49 11.20
CA THR B 80 -22.77 2.30 10.98
C THR B 80 -21.55 1.73 11.69
N GLN B 81 -21.75 1.12 12.86
CA GLN B 81 -20.62 0.53 13.59
C GLN B 81 -20.04 -0.66 12.83
N VAL B 82 -20.91 -1.56 12.33
CA VAL B 82 -20.43 -2.70 11.56
C VAL B 82 -19.76 -2.21 10.28
N MET B 83 -20.30 -1.12 9.73
CA MET B 83 -19.82 -0.58 8.47
C MET B 83 -18.44 0.05 8.67
N CYS B 84 -18.24 0.67 9.84
CA CYS B 84 -16.92 1.19 10.19
C CYS B 84 -15.94 0.08 10.56
N ASP B 85 -16.42 -0.97 11.25
CA ASP B 85 -15.56 -2.12 11.56
C ASP B 85 -14.97 -2.72 10.30
N LEU B 86 -15.76 -2.80 9.23
CA LEU B 86 -15.26 -3.34 7.96
C LEU B 86 -14.20 -2.43 7.37
N ALA B 87 -14.49 -1.13 7.32
CA ALA B 87 -13.53 -0.18 6.75
C ALA B 87 -12.24 -0.17 7.55
N ASN B 88 -12.35 -0.25 8.88
CA ASN B 88 -11.20 -0.24 9.78
C ASN B 88 -10.50 -1.59 9.86
N ARG B 89 -11.05 -2.63 9.22
CA ARG B 89 -10.50 -3.98 9.28
C ARG B 89 -10.41 -4.48 10.72
N THR B 90 -11.36 -4.07 11.55
CA THR B 90 -11.39 -4.45 12.96
C THR B 90 -11.68 -5.95 13.09
N ASP B 91 -11.20 -6.54 14.19
CA ASP B 91 -11.50 -7.94 14.49
C ASP B 91 -12.86 -8.02 15.16
N THR B 92 -13.87 -8.35 14.38
CA THR B 92 -15.22 -8.65 14.84
C THR B 92 -15.66 -9.90 14.09
N PRO B 93 -16.69 -10.60 14.57
CA PRO B 93 -17.13 -11.79 13.81
C PRO B 93 -17.69 -11.46 12.44
N ILE B 94 -18.37 -10.32 12.26
CA ILE B 94 -18.86 -9.96 10.93
C ILE B 94 -17.68 -9.59 10.03
N SER B 95 -16.71 -8.86 10.56
N SER B 95 -16.71 -8.84 10.55
CA SER B 95 -15.54 -8.49 9.76
CA SER B 95 -15.54 -8.50 9.74
C SER B 95 -14.70 -9.71 9.42
C SER B 95 -14.73 -9.73 9.39
N ARG B 96 -14.69 -10.73 10.29
CA ARG B 96 -14.02 -11.98 9.97
C ARG B 96 -14.77 -12.75 8.90
N ALA B 97 -16.10 -12.75 8.96
CA ALA B 97 -16.89 -13.40 7.93
C ALA B 97 -16.70 -12.71 6.58
N TYR B 98 -16.70 -11.38 6.58
CA TYR B 98 -16.44 -10.63 5.36
C TYR B 98 -15.07 -10.98 4.79
N GLY B 99 -14.07 -11.10 5.66
CA GLY B 99 -12.72 -11.41 5.23
C GLY B 99 -12.55 -12.77 4.59
N SER B 100 -13.50 -13.69 4.83
CA SER B 100 -13.41 -15.02 4.27
C SER B 100 -14.06 -15.14 2.90
N TRP B 101 -14.71 -14.08 2.41
CA TRP B 101 -15.46 -14.13 1.17
C TRP B 101 -14.57 -13.85 -0.04
N THR B 102 -15.05 -14.27 -1.20
CA THR B 102 -14.40 -13.88 -2.45
C THR B 102 -14.74 -12.43 -2.77
N ALA B 103 -14.03 -11.87 -3.75
CA ALA B 103 -14.25 -10.48 -4.13
C ALA B 103 -15.68 -10.23 -4.57
N ASN B 104 -16.24 -11.14 -5.38
CA ASN B 104 -17.58 -10.91 -5.91
C ASN B 104 -18.64 -10.94 -4.81
N ILE B 105 -18.45 -11.78 -3.79
CA ILE B 105 -19.39 -11.79 -2.67
C ILE B 105 -19.31 -10.48 -1.89
N LYS B 106 -18.09 -9.99 -1.65
CA LYS B 106 -17.95 -8.70 -0.98
C LYS B 106 -18.62 -7.60 -1.77
N LEU B 107 -18.47 -7.62 -3.11
CA LEU B 107 -19.06 -6.58 -3.92
C LEU B 107 -20.59 -6.64 -3.90
N GLY B 108 -21.16 -7.84 -4.02
CA GLY B 108 -22.61 -7.95 -3.99
C GLY B 108 -23.18 -7.54 -2.65
N PHE B 109 -22.48 -7.90 -1.57
CA PHE B 109 -22.83 -7.44 -0.23
C PHE B 109 -22.98 -5.92 -0.17
N TRP B 110 -21.93 -5.21 -0.58
CA TRP B 110 -21.99 -3.75 -0.55
C TRP B 110 -23.04 -3.20 -1.51
N TYR B 111 -23.19 -3.85 -2.67
CA TYR B 111 -24.23 -3.43 -3.61
C TYR B 111 -25.60 -3.43 -2.94
N GLN B 112 -25.90 -4.49 -2.19
CA GLN B 112 -27.19 -4.56 -1.50
C GLN B 112 -27.31 -3.49 -0.42
N LEU B 113 -26.25 -3.30 0.37
CA LEU B 113 -26.27 -2.22 1.36
C LEU B 113 -26.51 -0.87 0.69
N GLY B 114 -25.87 -0.64 -0.46
CA GLY B 114 -26.08 0.61 -1.18
C GLY B 114 -27.54 0.82 -1.56
N GLU B 115 -28.20 -0.23 -2.05
CA GLU B 115 -29.62 -0.10 -2.39
C GLU B 115 -30.46 0.17 -1.16
N TRP B 116 -30.14 -0.49 -0.05
CA TRP B 116 -30.88 -0.27 1.19
C TRP B 116 -30.64 1.13 1.74
N MET B 117 -29.47 1.71 1.48
CA MET B 117 -29.21 3.08 1.94
C MET B 117 -30.09 4.07 1.19
N ALA B 118 -30.18 3.94 -0.14
CA ALA B 118 -31.05 4.80 -0.92
C ALA B 118 -32.53 4.57 -0.59
N GLN B 119 -32.88 3.43 0.01
CA GLN B 119 -34.24 3.12 0.41
C GLN B 119 -34.59 3.58 1.82
N GLY B 120 -33.61 4.03 2.60
CA GLY B 120 -33.84 4.31 4.00
C GLY B 120 -33.86 3.08 4.89
N ILE B 121 -33.40 1.95 4.38
N ILE B 121 -33.41 1.94 4.39
CA ILE B 121 -33.36 0.71 5.17
CA ILE B 121 -33.38 0.71 5.18
C ILE B 121 -32.09 0.62 5.99
C ILE B 121 -32.09 0.64 6.01
N VAL B 122 -30.96 1.01 5.43
CA VAL B 122 -29.66 1.00 6.09
C VAL B 122 -29.25 2.45 6.33
N ALA B 123 -28.60 2.71 7.46
CA ALA B 123 -28.21 4.06 7.83
C ALA B 123 -27.47 4.74 6.69
N PRO B 124 -27.90 5.93 6.27
CA PRO B 124 -27.25 6.62 5.14
C PRO B 124 -25.98 7.33 5.59
N ILE B 125 -25.26 7.87 4.61
CA ILE B 125 -24.22 8.86 4.93
C ILE B 125 -24.90 10.08 5.55
N PRO B 126 -24.45 10.57 6.71
CA PRO B 126 -25.15 11.68 7.35
C PRO B 126 -25.32 12.87 6.42
N SER B 127 -26.52 13.45 6.44
CA SER B 127 -26.87 14.50 5.50
C SER B 127 -25.95 15.71 5.67
N GLY B 128 -25.38 16.17 4.55
CA GLY B 128 -24.45 17.28 4.60
C GLY B 128 -23.09 16.96 5.17
N TYR B 129 -22.72 15.68 5.21
CA TYR B 129 -21.40 15.30 5.69
C TYR B 129 -20.32 15.94 4.81
N LYS B 130 -19.24 16.39 5.43
CA LYS B 130 -18.15 17.03 4.71
C LYS B 130 -16.91 16.14 4.76
N LEU B 131 -16.40 15.80 3.58
CA LEU B 131 -15.16 15.06 3.49
C LEU B 131 -14.01 15.89 4.05
N SER B 132 -13.06 15.23 4.71
CA SER B 132 -11.86 15.91 5.15
C SER B 132 -11.12 16.49 3.94
N ALA B 133 -10.13 17.35 4.23
CA ALA B 133 -9.33 17.93 3.16
C ALA B 133 -8.63 16.86 2.33
N ASN B 134 -8.04 15.86 3.00
CA ASN B 134 -7.39 14.78 2.25
C ASN B 134 -8.39 13.94 1.49
N ALA B 135 -9.56 13.67 2.09
CA ALA B 135 -10.56 12.85 1.42
C ALA B 135 -11.12 13.55 0.19
N ALA B 136 -11.33 14.86 0.26
CA ALA B 136 -11.83 15.59 -0.91
C ALA B 136 -10.84 15.53 -2.06
N SER B 137 -9.54 15.58 -1.75
CA SER B 137 -8.54 15.48 -2.80
C SER B 137 -8.51 14.08 -3.43
N VAL B 138 -8.70 13.03 -2.61
CA VAL B 138 -8.73 11.67 -3.14
C VAL B 138 -9.95 11.50 -4.06
N LEU B 139 -11.09 12.04 -3.66
CA LEU B 139 -12.29 11.92 -4.49
C LEU B 139 -12.09 12.61 -5.84
N GLN B 140 -11.44 13.77 -5.83
CA GLN B 140 -11.18 14.48 -7.08
C GLN B 140 -10.21 13.72 -7.96
N ALA B 141 -9.20 13.09 -7.37
CA ALA B 141 -8.29 12.27 -8.16
C ALA B 141 -9.01 11.10 -8.81
N ILE B 142 -9.89 10.42 -8.04
CA ILE B 142 -10.64 9.30 -8.59
C ILE B 142 -11.50 9.74 -9.78
N GLN B 143 -12.20 10.86 -9.62
CA GLN B 143 -13.11 11.27 -10.68
C GLN B 143 -12.38 11.81 -11.91
N GLY B 144 -11.07 11.99 -11.84
CA GLY B 144 -10.23 12.32 -12.97
C GLY B 144 -9.69 11.14 -13.74
N LEU B 145 -9.91 9.92 -13.24
CA LEU B 145 -9.41 8.70 -13.84
C LEU B 145 -10.35 8.20 -14.94
N GLU B 146 -9.78 7.43 -15.87
CA GLU B 146 -10.57 6.66 -16.83
C GLU B 146 -11.49 5.70 -16.07
N SER B 147 -12.65 5.41 -16.67
CA SER B 147 -13.65 4.62 -15.96
C SER B 147 -13.11 3.24 -15.59
N GLY B 148 -12.33 2.62 -16.48
CA GLY B 148 -11.69 1.36 -16.14
C GLY B 148 -10.83 1.45 -14.90
N GLN B 149 -10.10 2.55 -14.76
CA GLN B 149 -9.28 2.74 -13.57
C GLN B 149 -10.15 3.09 -12.37
N GLN B 150 -11.24 3.84 -12.57
CA GLN B 150 -12.13 4.18 -11.47
C GLN B 150 -12.70 2.92 -10.83
N ILE B 151 -13.19 1.98 -11.64
CA ILE B 151 -13.84 0.82 -11.04
C ILE B 151 -12.79 -0.10 -10.41
N THR B 152 -11.55 -0.04 -10.87
CA THR B 152 -10.51 -0.85 -10.24
C THR B 152 -10.16 -0.30 -8.87
N VAL B 153 -10.12 1.02 -8.72
CA VAL B 153 -9.91 1.63 -7.41
C VAL B 153 -11.02 1.20 -6.45
N LEU B 154 -12.27 1.35 -6.89
CA LEU B 154 -13.41 1.04 -6.03
C LEU B 154 -13.39 -0.42 -5.60
N ARG B 155 -13.18 -1.34 -6.55
CA ARG B 155 -13.12 -2.75 -6.22
C ARG B 155 -12.06 -3.05 -5.18
N ASN B 156 -10.84 -2.56 -5.41
CA ASN B 156 -9.74 -2.87 -4.51
C ASN B 156 -9.99 -2.28 -3.12
N CYS B 157 -10.58 -1.09 -3.06
CA CYS B 157 -10.98 -0.51 -1.77
C CYS B 157 -11.95 -1.43 -1.05
N VAL B 158 -12.96 -1.94 -1.77
CA VAL B 158 -13.95 -2.83 -1.17
C VAL B 158 -13.33 -4.16 -0.75
N VAL B 159 -12.49 -4.74 -1.61
CA VAL B 159 -11.90 -6.05 -1.32
C VAL B 159 -11.01 -5.99 -0.09
N ASP B 160 -10.36 -4.84 0.16
CA ASP B 160 -9.42 -4.72 1.26
C ASP B 160 -10.08 -4.54 2.62
N MET B 161 -11.40 -4.42 2.67
CA MET B 161 -12.04 -4.18 3.95
C MET B 161 -12.17 -5.50 4.72
N GLY B 162 -12.61 -5.38 5.97
CA GLY B 162 -12.78 -6.54 6.81
C GLY B 162 -11.48 -7.06 7.37
N PHE B 163 -11.59 -8.16 8.11
CA PHE B 163 -10.48 -8.77 8.81
C PHE B 163 -9.90 -9.91 7.98
N ASP B 164 -8.63 -9.76 7.58
CA ASP B 164 -7.95 -10.83 6.86
C ASP B 164 -7.13 -11.69 7.81
N ARG B 173 -11.87 -19.59 5.19
CA ARG B 173 -12.35 -19.04 3.93
C ARG B 173 -13.68 -19.66 3.52
N VAL B 174 -14.30 -19.11 2.48
CA VAL B 174 -15.54 -19.65 1.94
C VAL B 174 -15.24 -20.60 0.80
N SER B 175 -15.98 -21.71 0.76
CA SER B 175 -15.86 -22.67 -0.33
C SER B 175 -16.56 -22.09 -1.55
N GLU B 176 -15.77 -21.51 -2.46
N GLU B 176 -15.78 -21.52 -2.47
CA GLU B 176 -16.32 -20.94 -3.69
CA GLU B 176 -16.38 -20.91 -3.64
C GLU B 176 -17.05 -22.01 -4.51
C GLU B 176 -17.07 -22.00 -4.47
N PRO B 177 -18.28 -21.74 -4.95
CA PRO B 177 -19.05 -22.79 -5.64
C PRO B 177 -18.52 -23.10 -7.03
N VAL B 178 -19.02 -24.21 -7.58
CA VAL B 178 -18.53 -24.75 -8.84
C VAL B 178 -18.84 -23.80 -9.99
N VAL B 179 -17.90 -23.68 -10.92
CA VAL B 179 -18.09 -22.91 -12.14
C VAL B 179 -18.02 -23.89 -13.30
N VAL B 180 -19.15 -24.15 -13.94
CA VAL B 180 -19.20 -25.08 -15.06
C VAL B 180 -18.91 -24.28 -16.34
N PRO B 181 -18.05 -24.77 -17.22
CA PRO B 181 -17.71 -23.99 -18.42
C PRO B 181 -18.85 -23.90 -19.42
N ARG B 182 -18.75 -22.88 -20.27
N ARG B 182 -18.77 -22.86 -20.25
CA ARG B 182 -19.74 -22.66 -21.31
CA ARG B 182 -19.78 -22.67 -21.30
C ARG B 182 -19.76 -23.82 -22.30
C ARG B 182 -19.77 -23.85 -22.27
N ASP B 183 -20.95 -24.17 -22.77
CA ASP B 183 -21.10 -25.24 -23.76
C ASP B 183 -20.26 -24.94 -24.99
N MET B 184 -19.53 -25.96 -25.46
CA MET B 184 -18.57 -25.79 -26.55
C MET B 184 -19.21 -25.11 -27.76
N ALA B 185 -20.47 -25.46 -28.06
CA ALA B 185 -21.11 -24.95 -29.27
C ALA B 185 -21.32 -23.44 -29.24
N GLN B 186 -21.58 -22.86 -28.07
CA GLN B 186 -21.82 -21.43 -27.96
C GLN B 186 -20.53 -20.61 -27.82
N ARG B 187 -19.37 -21.26 -27.84
CA ARG B 187 -18.13 -20.57 -27.52
C ARG B 187 -17.67 -19.69 -28.67
N THR B 188 -17.11 -18.54 -28.31
CA THR B 188 -16.43 -17.66 -29.25
C THR B 188 -14.96 -18.05 -29.35
N GLN B 189 -14.31 -17.59 -30.42
CA GLN B 189 -12.87 -17.74 -30.59
C GLN B 189 -12.29 -16.36 -30.83
N VAL B 190 -11.24 -16.01 -30.10
CA VAL B 190 -10.62 -14.71 -30.26
C VAL B 190 -9.80 -14.69 -31.54
N THR B 191 -9.57 -13.48 -32.05
CA THR B 191 -8.62 -13.25 -33.14
C THR B 191 -7.65 -12.20 -32.65
N ILE B 192 -6.36 -12.53 -32.67
CA ILE B 192 -5.31 -11.62 -32.21
C ILE B 192 -4.41 -11.31 -33.39
N GLU B 193 -4.43 -10.07 -33.85
N GLU B 193 -4.45 -10.07 -33.86
CA GLU B 193 -3.59 -9.63 -34.95
CA GLU B 193 -3.59 -9.65 -34.95
C GLU B 193 -2.13 -9.89 -34.63
C GLU B 193 -2.13 -9.92 -34.61
N GLY B 194 -1.46 -10.70 -35.45
CA GLY B 194 -0.06 -10.98 -35.27
C GLY B 194 0.28 -12.16 -34.39
N ILE B 195 -0.72 -12.85 -33.83
CA ILE B 195 -0.48 -13.94 -32.88
C ILE B 195 -1.28 -15.15 -33.31
N ASP B 196 -0.59 -16.26 -33.55
CA ASP B 196 -1.24 -17.52 -33.86
C ASP B 196 -0.87 -18.62 -32.88
N ASN B 197 -0.08 -18.32 -31.86
CA ASN B 197 0.35 -19.33 -30.90
C ASN B 197 -0.86 -19.91 -30.18
N PRO B 198 -1.09 -21.22 -30.27
CA PRO B 198 -2.32 -21.78 -29.70
C PRO B 198 -2.38 -21.67 -28.19
N THR B 199 -1.23 -21.64 -27.51
CA THR B 199 -1.26 -21.51 -26.05
C THR B 199 -1.79 -20.15 -25.63
N VAL B 200 -1.46 -19.11 -26.38
CA VAL B 200 -2.00 -17.78 -26.09
C VAL B 200 -3.46 -17.71 -26.50
N LEU B 201 -3.79 -18.25 -27.68
CA LEU B 201 -5.17 -18.24 -28.14
C LEU B 201 -6.08 -19.02 -27.19
N ASN B 202 -5.62 -20.18 -26.73
CA ASN B 202 -6.45 -20.99 -25.85
C ASN B 202 -6.48 -20.48 -24.42
N TYR B 203 -5.45 -19.76 -23.98
CA TYR B 203 -5.59 -19.00 -22.74
C TYR B 203 -6.80 -18.10 -22.83
N MET B 204 -6.85 -17.28 -23.88
CA MET B 204 -7.95 -16.34 -24.12
C MET B 204 -9.29 -17.06 -24.19
N ASN B 205 -9.38 -18.10 -25.03
CA ASN B 205 -10.65 -18.76 -25.27
C ASN B 205 -11.13 -19.52 -24.04
N ASN B 206 -10.22 -20.17 -23.32
CA ASN B 206 -10.64 -20.88 -22.11
C ASN B 206 -11.09 -19.92 -21.01
N MET B 207 -10.41 -18.78 -20.84
CA MET B 207 -10.96 -17.78 -19.90
C MET B 207 -12.35 -17.34 -20.30
N ASN B 208 -12.55 -17.04 -21.59
CA ASN B 208 -13.86 -16.57 -22.03
C ASN B 208 -14.95 -17.63 -21.86
N ALA B 209 -14.58 -18.90 -21.72
CA ALA B 209 -15.52 -19.99 -21.56
C ALA B 209 -15.62 -20.48 -20.12
N ASN B 210 -14.93 -19.83 -19.18
CA ASN B 210 -14.83 -20.26 -17.79
C ASN B 210 -14.29 -21.69 -17.66
N ASP B 211 -13.50 -22.13 -18.64
CA ASP B 211 -13.02 -23.52 -18.65
C ASP B 211 -11.64 -23.60 -17.99
N PHE B 212 -11.65 -23.44 -16.67
CA PHE B 212 -10.41 -23.31 -15.91
C PHE B 212 -9.66 -24.62 -15.73
N GLU B 213 -10.36 -25.76 -15.79
CA GLU B 213 -9.66 -27.04 -15.65
C GLU B 213 -8.85 -27.37 -16.90
N VAL B 214 -9.27 -26.87 -18.06
CA VAL B 214 -8.48 -26.99 -19.29
C VAL B 214 -7.40 -25.91 -19.33
N LEU B 215 -7.75 -24.70 -18.87
CA LEU B 215 -6.82 -23.58 -18.85
C LEU B 215 -5.55 -23.91 -18.08
N ILE B 216 -5.70 -24.51 -16.90
CA ILE B 216 -4.55 -24.77 -16.04
C ILE B 216 -3.56 -25.72 -16.67
N GLU B 217 -4.01 -26.57 -17.60
CA GLU B 217 -3.10 -27.48 -18.28
C GLU B 217 -2.17 -26.77 -19.25
N LEU B 218 -2.43 -25.51 -19.57
CA LEU B 218 -1.52 -24.72 -20.40
C LEU B 218 -0.26 -24.30 -19.66
N PHE B 219 -0.24 -24.39 -18.33
CA PHE B 219 0.86 -23.90 -17.51
C PHE B 219 1.89 -24.99 -17.26
N THR B 220 3.13 -24.56 -17.04
CA THR B 220 4.13 -25.46 -16.48
C THR B 220 3.76 -25.80 -15.04
N PRO B 221 4.27 -26.91 -14.52
CA PRO B 221 3.92 -27.29 -13.13
C PRO B 221 4.20 -26.20 -12.11
N ASP B 222 5.28 -25.44 -12.29
N ASP B 222 5.31 -25.47 -12.23
CA ASP B 222 5.70 -24.36 -11.42
CA ASP B 222 5.48 -24.34 -11.32
C ASP B 222 5.35 -22.98 -11.97
C ASP B 222 5.47 -23.05 -12.10
N GLY B 223 4.47 -22.91 -12.98
CA GLY B 223 4.22 -21.65 -13.63
C GLY B 223 3.52 -20.66 -12.71
N ALA B 224 3.56 -19.40 -13.12
CA ALA B 224 3.06 -18.33 -12.27
C ALA B 224 2.16 -17.40 -13.08
N LEU B 225 1.16 -16.84 -12.41
CA LEU B 225 0.30 -15.81 -12.97
C LEU B 225 0.35 -14.60 -12.06
N GLN B 226 0.56 -13.42 -12.65
CA GLN B 226 0.67 -12.19 -11.88
C GLN B 226 -0.50 -11.27 -12.23
N PRO B 227 -1.51 -11.17 -11.38
CA PRO B 227 -2.63 -10.25 -11.64
C PRO B 227 -2.19 -8.80 -11.55
N PRO B 228 -3.02 -7.86 -12.01
CA PRO B 228 -2.62 -6.44 -11.96
C PRO B 228 -2.38 -5.98 -10.53
N PHE B 229 -1.22 -5.35 -10.32
CA PHE B 229 -0.84 -4.74 -9.04
C PHE B 229 -0.76 -5.77 -7.91
N GLN B 230 -0.41 -7.00 -8.25
CA GLN B 230 -0.24 -8.07 -7.28
C GLN B 230 1.06 -8.81 -7.57
N LYS B 231 1.57 -9.50 -6.56
CA LYS B 231 2.74 -10.36 -6.73
C LYS B 231 2.35 -11.62 -7.50
N PRO B 232 3.32 -12.32 -8.08
CA PRO B 232 2.99 -13.55 -8.81
C PRO B 232 2.36 -14.60 -7.92
N ILE B 233 1.41 -15.33 -8.48
CA ILE B 233 0.79 -16.49 -7.84
C ILE B 233 1.44 -17.72 -8.47
N VAL B 234 2.13 -18.53 -7.65
CA VAL B 234 3.09 -19.51 -8.14
C VAL B 234 2.55 -20.93 -7.96
N GLY B 235 2.61 -21.71 -9.01
CA GLY B 235 2.23 -23.12 -8.99
C GLY B 235 0.80 -23.34 -9.42
N LYS B 236 0.58 -24.49 -10.08
CA LYS B 236 -0.73 -24.80 -10.64
C LYS B 236 -1.83 -24.74 -9.58
N ASP B 237 -1.58 -25.30 -8.39
CA ASP B 237 -2.61 -25.35 -7.37
C ASP B 237 -3.11 -23.94 -7.01
N ALA B 238 -2.17 -23.02 -6.78
CA ALA B 238 -2.54 -21.67 -6.41
C ALA B 238 -3.13 -20.90 -7.59
N VAL B 239 -2.61 -21.11 -8.79
CA VAL B 239 -3.18 -20.47 -9.98
C VAL B 239 -4.59 -20.96 -10.22
N LEU B 240 -4.81 -22.27 -10.10
CA LEU B 240 -6.14 -22.83 -10.32
C LEU B 240 -7.14 -22.26 -9.33
N ARG B 241 -6.76 -22.17 -8.05
N ARG B 241 -6.77 -22.17 -8.05
CA ARG B 241 -7.66 -21.62 -7.05
CA ARG B 241 -7.66 -21.62 -7.05
C ARG B 241 -7.99 -20.15 -7.35
C ARG B 241 -7.97 -20.16 -7.32
N PHE B 242 -6.99 -19.41 -7.84
CA PHE B 242 -7.25 -18.02 -8.22
C PHE B 242 -8.27 -17.93 -9.34
N PHE B 243 -8.16 -18.81 -10.35
CA PHE B 243 -9.14 -18.82 -11.44
C PHE B 243 -10.57 -18.97 -10.92
N ARG B 244 -10.80 -19.94 -10.01
N ARG B 244 -10.79 -19.92 -10.01
CA ARG B 244 -12.16 -20.22 -9.57
CA ARG B 244 -12.16 -20.20 -9.59
C ARG B 244 -12.72 -19.10 -8.70
C ARG B 244 -12.72 -19.08 -8.71
N GLU B 245 -11.87 -18.48 -7.87
CA GLU B 245 -12.36 -17.46 -6.95
C GLU B 245 -12.49 -16.08 -7.59
N GLU B 246 -11.78 -15.81 -8.69
CA GLU B 246 -11.63 -14.45 -9.17
C GLU B 246 -12.01 -14.21 -10.62
N CYS B 247 -12.00 -15.23 -11.49
CA CYS B 247 -11.95 -15.01 -12.93
C CYS B 247 -13.21 -15.44 -13.67
N GLN B 248 -14.35 -15.50 -12.97
N GLN B 248 -14.36 -15.54 -13.00
CA GLN B 248 -15.60 -15.93 -13.56
CA GLN B 248 -15.55 -16.07 -13.64
C GLN B 248 -16.18 -14.87 -14.49
C GLN B 248 -16.29 -14.98 -14.41
N ASN B 249 -16.70 -15.31 -15.64
CA ASN B 249 -17.56 -14.48 -16.49
C ASN B 249 -16.89 -13.20 -16.99
N LEU B 250 -15.57 -13.21 -17.10
CA LEU B 250 -14.87 -12.12 -17.77
C LEU B 250 -15.02 -12.27 -19.28
N LYS B 251 -14.87 -11.16 -19.99
CA LYS B 251 -14.85 -11.20 -21.44
C LYS B 251 -13.55 -10.53 -21.90
N LEU B 252 -12.65 -11.34 -22.44
CA LEU B 252 -11.36 -10.86 -22.90
C LEU B 252 -11.43 -10.58 -24.39
N ILE B 253 -11.05 -9.38 -24.77
CA ILE B 253 -11.08 -8.96 -26.17
C ILE B 253 -9.69 -8.52 -26.57
N PRO B 254 -8.75 -9.45 -26.70
CA PRO B 254 -7.41 -9.09 -27.17
C PRO B 254 -7.49 -8.61 -28.62
N GLU B 255 -6.61 -7.67 -28.97
CA GLU B 255 -6.60 -7.09 -30.30
C GLU B 255 -5.35 -7.43 -31.10
N ARG B 256 -4.17 -7.26 -30.50
N ARG B 256 -4.18 -7.24 -30.52
CA ARG B 256 -2.91 -7.31 -31.23
CA ARG B 256 -2.94 -7.41 -31.25
C ARG B 256 -1.77 -7.78 -30.33
C ARG B 256 -1.87 -7.96 -30.32
N GLY B 257 -0.79 -8.47 -30.93
CA GLY B 257 0.34 -8.94 -30.17
C GLY B 257 1.62 -9.06 -30.99
N VAL B 258 2.72 -9.24 -30.26
CA VAL B 258 4.03 -9.47 -30.86
C VAL B 258 4.69 -10.63 -30.12
N THR B 259 5.59 -11.31 -30.80
CA THR B 259 6.28 -12.46 -30.24
C THR B 259 7.77 -12.31 -30.50
N GLU B 260 8.59 -12.83 -29.59
CA GLU B 260 10.02 -12.81 -29.88
C GLU B 260 10.71 -13.89 -29.06
N PRO B 261 11.77 -14.49 -29.60
CA PRO B 261 12.52 -15.48 -28.82
C PRO B 261 13.15 -14.84 -27.59
N ALA B 262 13.24 -15.62 -26.53
CA ALA B 262 13.96 -15.25 -25.31
C ALA B 262 15.04 -16.31 -25.05
N ASP B 263 15.81 -16.09 -23.98
CA ASP B 263 16.92 -17.00 -23.67
C ASP B 263 16.42 -18.41 -23.40
N GLY B 264 17.25 -19.39 -23.76
CA GLY B 264 17.00 -20.78 -23.42
C GLY B 264 15.90 -21.45 -24.19
N GLY B 265 15.58 -20.98 -25.39
CA GLY B 265 14.46 -21.54 -26.10
C GLY B 265 13.11 -21.09 -25.58
N TYR B 266 13.08 -20.10 -24.70
CA TYR B 266 11.80 -19.55 -24.28
C TYR B 266 11.31 -18.52 -25.30
N THR B 267 10.01 -18.25 -25.25
CA THR B 267 9.39 -17.25 -26.10
C THR B 267 8.64 -16.26 -25.24
N GLN B 268 8.77 -14.97 -25.54
CA GLN B 268 8.00 -13.96 -24.84
C GLN B 268 7.03 -13.28 -25.80
N ILE B 269 5.80 -13.10 -25.34
CA ILE B 269 4.71 -12.61 -26.17
C ILE B 269 3.98 -11.52 -25.39
N LYS B 270 3.72 -10.40 -26.03
CA LYS B 270 2.90 -9.35 -25.44
C LYS B 270 1.64 -9.15 -26.27
N VAL B 271 0.50 -9.09 -25.62
CA VAL B 271 -0.79 -8.87 -26.27
C VAL B 271 -1.46 -7.69 -25.57
N THR B 272 -2.12 -6.83 -26.34
CA THR B 272 -2.91 -5.76 -25.75
C THR B 272 -4.35 -5.84 -26.24
N GLY B 273 -5.26 -5.28 -25.45
CA GLY B 273 -6.66 -5.32 -25.81
C GLY B 273 -7.52 -4.81 -24.67
N LYS B 274 -8.78 -5.22 -24.69
CA LYS B 274 -9.78 -4.80 -23.72
C LYS B 274 -10.29 -5.98 -22.92
N VAL B 275 -10.74 -5.70 -21.69
CA VAL B 275 -11.43 -6.69 -20.86
C VAL B 275 -12.69 -6.04 -20.30
N GLN B 276 -13.78 -6.79 -20.30
CA GLN B 276 -15.03 -6.36 -19.68
C GLN B 276 -15.32 -7.26 -18.49
N THR B 277 -15.75 -6.66 -17.43
CA THR B 277 -16.16 -7.38 -16.24
C THR B 277 -17.67 -7.59 -16.25
N PRO B 278 -18.15 -8.72 -15.74
CA PRO B 278 -19.60 -8.93 -15.69
C PRO B 278 -20.34 -7.87 -14.90
N TRP B 279 -19.67 -7.15 -13.99
CA TRP B 279 -20.31 -6.12 -13.18
C TRP B 279 -20.78 -4.94 -14.03
N PHE B 280 -20.11 -4.69 -15.15
CA PHE B 280 -20.42 -3.51 -15.95
C PHE B 280 -20.67 -3.83 -17.42
N GLY B 281 -20.42 -5.05 -17.87
CA GLY B 281 -20.73 -5.42 -19.23
C GLY B 281 -19.92 -4.60 -20.22
N ALA B 282 -20.55 -4.28 -21.35
CA ALA B 282 -19.90 -3.46 -22.37
C ALA B 282 -19.78 -1.99 -21.98
N GLY B 283 -20.34 -1.61 -20.84
CA GLY B 283 -20.29 -0.23 -20.40
C GLY B 283 -18.90 0.25 -20.00
N VAL B 284 -18.01 -0.66 -19.61
CA VAL B 284 -16.66 -0.29 -19.22
C VAL B 284 -15.69 -1.27 -19.86
N GLY B 285 -14.80 -0.76 -20.71
CA GLY B 285 -13.73 -1.57 -21.26
C GLY B 285 -12.40 -1.20 -20.64
N MET B 286 -11.74 -2.16 -20.02
CA MET B 286 -10.47 -1.92 -19.34
C MET B 286 -9.34 -2.19 -20.33
N ASN B 287 -8.37 -1.28 -20.39
CA ASN B 287 -7.21 -1.40 -21.29
C ASN B 287 -6.15 -2.27 -20.63
N MET B 288 -5.84 -3.41 -21.23
N MET B 288 -5.84 -3.41 -21.25
CA MET B 288 -5.03 -4.43 -20.57
CA MET B 288 -5.00 -4.42 -20.64
C MET B 288 -3.95 -4.97 -21.49
C MET B 288 -3.81 -4.76 -21.53
N ALA B 289 -2.79 -5.32 -20.89
CA ALA B 289 -1.73 -6.05 -21.58
C ALA B 289 -1.54 -7.40 -20.89
N TRP B 290 -1.29 -8.42 -21.69
CA TRP B 290 -0.85 -9.74 -21.23
C TRP B 290 0.60 -9.92 -21.67
N ARG B 291 1.47 -10.29 -20.75
CA ARG B 291 2.88 -10.55 -21.03
C ARG B 291 3.15 -12.01 -20.69
N PHE B 292 3.40 -12.83 -21.71
CA PHE B 292 3.63 -14.26 -21.53
C PHE B 292 5.11 -14.58 -21.66
N LEU B 293 5.59 -15.49 -20.82
CA LEU B 293 6.87 -16.18 -21.07
C LEU B 293 6.54 -17.65 -21.23
N LEU B 294 6.79 -18.19 -22.41
CA LEU B 294 6.44 -19.56 -22.75
C LEU B 294 7.69 -20.45 -22.74
N SER B 295 7.57 -21.64 -22.17
CA SER B 295 8.69 -22.57 -22.08
C SER B 295 9.06 -23.07 -23.48
N PRO B 296 10.21 -23.72 -23.62
CA PRO B 296 10.54 -24.35 -24.92
C PRO B 296 9.45 -25.30 -25.42
N GLU B 297 8.67 -25.91 -24.53
CA GLU B 297 7.58 -26.80 -24.90
C GLU B 297 6.27 -26.04 -25.14
N ASN B 298 6.30 -24.71 -25.13
CA ASN B 298 5.15 -23.85 -25.42
C ASN B 298 4.09 -23.92 -24.33
N LYS B 299 4.49 -24.16 -23.09
CA LYS B 299 3.62 -24.01 -21.93
C LYS B 299 3.88 -22.66 -21.27
N ILE B 300 2.92 -22.20 -20.48
CA ILE B 300 3.03 -20.91 -19.82
C ILE B 300 3.87 -21.07 -18.54
N PHE B 301 5.11 -20.57 -18.59
CA PHE B 301 5.92 -20.44 -17.38
C PHE B 301 5.52 -19.23 -16.54
N PHE B 302 5.11 -18.14 -17.19
CA PHE B 302 4.77 -16.91 -16.48
C PHE B 302 3.81 -16.13 -17.36
N VAL B 303 2.76 -15.57 -16.77
CA VAL B 303 1.94 -14.59 -17.46
C VAL B 303 1.61 -13.47 -16.49
N ALA B 304 1.86 -12.24 -16.93
CA ALA B 304 1.47 -11.05 -16.18
C ALA B 304 0.34 -10.37 -16.91
N ILE B 305 -0.65 -9.91 -16.15
CA ILE B 305 -1.78 -9.15 -16.68
C ILE B 305 -1.70 -7.75 -16.07
N ASP B 306 -1.61 -6.73 -16.92
CA ASP B 306 -1.42 -5.34 -16.49
C ASP B 306 -2.61 -4.49 -16.90
N LEU B 307 -3.02 -3.59 -16.01
CA LEU B 307 -3.93 -2.50 -16.37
C LEU B 307 -3.09 -1.35 -16.90
N LEU B 308 -3.38 -0.91 -18.11
CA LEU B 308 -2.52 0.03 -18.83
C LEU B 308 -2.84 1.47 -18.46
N ALA B 309 -1.82 2.33 -18.51
CA ALA B 309 -1.96 3.71 -18.07
C ALA B 309 -2.96 4.49 -18.91
N SER B 310 -3.07 4.17 -20.21
CA SER B 310 -3.97 4.92 -21.10
C SER B 310 -4.16 4.15 -22.40
N PRO B 311 -5.15 4.51 -23.22
CA PRO B 311 -5.27 3.83 -24.53
C PRO B 311 -4.02 3.95 -25.41
N LYS B 312 -3.20 4.98 -25.22
CA LYS B 312 -1.92 5.06 -25.92
C LYS B 312 -1.12 3.76 -25.77
N GLU B 313 -1.21 3.13 -24.60
CA GLU B 313 -0.38 1.96 -24.35
C GLU B 313 -0.86 0.74 -25.14
N LEU B 314 -2.08 0.76 -25.66
CA LEU B 314 -2.54 -0.35 -26.49
C LEU B 314 -1.70 -0.52 -27.74
N LEU B 315 -1.02 0.53 -28.17
CA LEU B 315 -0.18 0.51 -29.36
C LEU B 315 1.29 0.27 -29.06
N ASN B 316 1.65 0.09 -27.79
CA ASN B 316 3.04 -0.08 -27.39
C ASN B 316 3.35 -1.57 -27.45
N LEU B 317 3.83 -2.03 -28.60
CA LEU B 317 4.15 -3.44 -28.80
C LEU B 317 5.58 -3.52 -29.33
N VAL B 318 6.53 -3.21 -28.48
CA VAL B 318 7.95 -3.23 -28.82
C VAL B 318 8.50 -4.58 -28.39
N ARG B 319 9.07 -5.30 -29.35
CA ARG B 319 9.74 -6.55 -29.03
C ARG B 319 10.99 -6.27 -28.19
#